data_4MDV
#
_entry.id   4MDV
#
_cell.length_a   67.822
_cell.length_b   88.486
_cell.length_c   68.465
_cell.angle_alpha   90.00
_cell.angle_beta   111.18
_cell.angle_gamma   90.00
#
_symmetry.space_group_name_H-M   'P 1 21 1'
#
loop_
_entity.id
_entity.type
_entity.pdbx_description
1 polymer Annexin
2 non-polymer 'CALCIUM ION'
3 water water
#
_entity_poly.entity_id   1
_entity_poly.type   'polypeptide(L)'
_entity_poly.pdbx_seq_one_letter_code
;MAMANISEFGITRSLIHSFDPHGKHYRPTIKPTTGFSASADAERLHRSMKGPGTNELAIINILARRTNYERQEICQSYKS
LYKQDLKDDLKSDTSGDFRKVLCQLIVDTPYMLAKSLYYAMKGLGTNDRVLIEIFTTLWNDEMKAVADAYKQVLKDKGSE
ESERSLVTDMKKETCGDYEYALLSLVQAERDDIPILQLKAIPDKGVNSIINHELAEADAKDLYASGAGRVGTSERRITRV
ICNRTPYQLYLTSEIYFKMYGKTLLEHIESETSGDYRKLLVAVLRYAIDRPSLIAEWLHDSMAGLGTKDYALMRLLITRS
EIDLQDIMDAYESIYGKSLLNAVKDDTSGDYRRTLCVLMGEIYNQQQLEHHHHHH
;
_entity_poly.pdbx_strand_id   A,B
#
# COMPACT_ATOMS: atom_id res chain seq x y z
N ILE A 6 -34.58 -9.64 -13.00
CA ILE A 6 -34.37 -8.30 -12.47
C ILE A 6 -32.95 -8.16 -11.95
N SER A 7 -32.60 -6.94 -11.53
CA SER A 7 -31.31 -6.65 -10.93
C SER A 7 -31.47 -5.80 -9.67
N GLU A 8 -30.78 -6.16 -8.60
CA GLU A 8 -30.80 -5.35 -7.38
C GLU A 8 -30.16 -3.96 -7.60
N PHE A 9 -29.59 -3.75 -8.79
CA PHE A 9 -28.99 -2.46 -9.14
C PHE A 9 -29.82 -1.60 -10.11
N GLY A 10 -30.98 -2.12 -10.51
CA GLY A 10 -31.82 -1.43 -11.47
C GLY A 10 -31.35 -1.55 -12.90
N ILE A 11 -32.11 -0.95 -13.82
CA ILE A 11 -31.81 -1.01 -15.25
C ILE A 11 -30.44 -0.40 -15.55
N THR A 12 -30.00 0.51 -14.67
CA THR A 12 -28.72 1.19 -14.86
C THR A 12 -28.00 1.42 -13.54
N ARG A 13 -26.70 1.72 -13.60
CA ARG A 13 -26.00 2.22 -12.43
C ARG A 13 -26.55 3.61 -12.14
N SER A 14 -26.40 4.09 -10.92
CA SER A 14 -26.87 5.44 -10.59
C SER A 14 -26.33 6.50 -11.54
N LEU A 15 -27.22 7.39 -11.98
CA LEU A 15 -26.87 8.48 -12.89
C LEU A 15 -25.77 9.37 -12.31
N ILE A 16 -25.62 9.30 -10.98
CA ILE A 16 -24.65 10.12 -10.28
C ILE A 16 -23.19 9.84 -10.75
N HIS A 17 -22.97 8.70 -11.39
CA HIS A 17 -21.64 8.33 -11.93
C HIS A 17 -21.42 8.80 -13.38
N SER A 18 -22.49 9.26 -14.03
CA SER A 18 -22.53 9.42 -15.49
C SER A 18 -22.02 10.75 -16.07
N PHE A 19 -21.75 11.72 -15.22
CA PHE A 19 -21.27 13.02 -15.70
C PHE A 19 -19.93 13.45 -15.07
N ASP A 20 -19.00 13.90 -15.91
CA ASP A 20 -17.73 14.43 -15.40
C ASP A 20 -17.99 15.69 -14.57
N PRO A 21 -16.93 16.25 -13.96
CA PRO A 21 -17.12 17.43 -13.10
C PRO A 21 -17.88 18.56 -13.82
N HIS A 22 -17.56 18.77 -15.09
CA HIS A 22 -18.17 19.84 -15.87
C HIS A 22 -19.55 19.48 -16.45
N GLY A 23 -20.17 18.43 -15.96
CA GLY A 23 -21.51 18.07 -16.41
C GLY A 23 -21.59 17.29 -17.72
N LYS A 24 -20.46 17.10 -18.40
CA LYS A 24 -20.47 16.32 -19.62
C LYS A 24 -20.61 14.83 -19.33
N HIS A 25 -21.41 14.16 -20.15
CA HIS A 25 -21.60 12.71 -20.08
C HIS A 25 -20.29 11.91 -20.27
N TYR A 26 -20.04 11.00 -19.35
CA TYR A 26 -18.96 10.03 -19.53
C TYR A 26 -19.37 9.04 -20.62
N ARG A 27 -18.39 8.45 -21.29
CA ARG A 27 -18.65 7.53 -22.38
C ARG A 27 -18.36 6.08 -21.99
N PRO A 28 -19.40 5.23 -22.01
CA PRO A 28 -19.23 3.79 -21.78
C PRO A 28 -18.90 3.00 -23.04
N THR A 29 -18.50 1.73 -22.88
CA THR A 29 -18.26 0.83 -24.02
C THR A 29 -19.46 -0.07 -24.26
N ILE A 30 -20.37 -0.11 -23.29
CA ILE A 30 -21.61 -0.86 -23.41
C ILE A 30 -22.84 -0.01 -23.07
N LYS A 31 -23.75 0.13 -24.02
CA LYS A 31 -24.98 0.83 -23.75
C LYS A 31 -26.16 -0.12 -23.90
N PRO A 32 -27.29 0.20 -23.26
CA PRO A 32 -28.54 -0.51 -23.44
C PRO A 32 -28.73 -0.84 -24.91
N THR A 33 -29.09 -2.08 -25.22
CA THR A 33 -29.29 -2.53 -26.59
C THR A 33 -30.68 -2.16 -27.07
N THR A 34 -30.80 -1.70 -28.31
CA THR A 34 -32.11 -1.41 -28.87
C THR A 34 -32.63 -2.65 -29.56
N GLY A 35 -33.85 -3.02 -29.22
CA GLY A 35 -34.42 -4.27 -29.69
C GLY A 35 -34.01 -5.43 -28.81
N PHE A 36 -33.25 -5.14 -27.76
CA PHE A 36 -32.83 -6.15 -26.79
C PHE A 36 -33.93 -7.18 -26.55
N SER A 37 -33.67 -8.42 -26.94
CA SER A 37 -34.61 -9.48 -26.62
C SER A 37 -33.97 -10.53 -25.73
N ALA A 38 -34.35 -10.48 -24.45
CA ALA A 38 -33.86 -11.42 -23.46
C ALA A 38 -33.95 -12.87 -23.97
N SER A 39 -35.13 -13.27 -24.41
CA SER A 39 -35.37 -14.62 -24.90
C SER A 39 -34.47 -14.95 -26.09
N ALA A 40 -34.40 -14.04 -27.05
CA ALA A 40 -33.60 -14.22 -28.25
C ALA A 40 -32.15 -14.56 -27.89
N ASP A 41 -31.55 -13.72 -27.04
CA ASP A 41 -30.18 -13.95 -26.61
C ASP A 41 -30.07 -15.24 -25.80
N ALA A 42 -31.06 -15.48 -24.95
CA ALA A 42 -31.16 -16.71 -24.17
C ALA A 42 -31.11 -17.96 -25.08
N GLU A 43 -31.91 -17.95 -26.15
CA GLU A 43 -31.96 -19.07 -27.07
C GLU A 43 -30.60 -19.22 -27.74
N ARG A 44 -30.06 -18.10 -28.19
CA ARG A 44 -28.77 -18.07 -28.87
C ARG A 44 -27.64 -18.63 -28.00
N LEU A 45 -27.67 -18.29 -26.71
CA LEU A 45 -26.68 -18.83 -25.79
C LEU A 45 -26.85 -20.34 -25.61
N HIS A 46 -28.10 -20.78 -25.42
CA HIS A 46 -28.36 -22.21 -25.23
C HIS A 46 -27.85 -23.01 -26.41
N ARG A 47 -28.18 -22.54 -27.60
CA ARG A 47 -27.72 -23.13 -28.83
C ARG A 47 -26.20 -23.28 -28.77
N SER A 48 -25.53 -22.19 -28.39
CA SER A 48 -24.07 -22.14 -28.46
C SER A 48 -23.35 -23.11 -27.55
N MET A 49 -24.11 -23.78 -26.68
CA MET A 49 -23.56 -24.78 -25.78
C MET A 49 -23.92 -26.21 -26.20
N LYS A 50 -24.69 -26.33 -27.27
CA LYS A 50 -25.03 -27.63 -27.82
C LYS A 50 -23.77 -28.32 -28.34
N GLY A 51 -23.84 -29.63 -28.50
CA GLY A 51 -22.71 -30.40 -28.99
C GLY A 51 -21.72 -30.70 -27.89
N PRO A 52 -20.67 -31.47 -28.21
CA PRO A 52 -19.62 -31.86 -27.27
C PRO A 52 -18.75 -30.67 -26.86
N GLY A 53 -18.65 -29.71 -27.78
CA GLY A 53 -17.84 -28.53 -27.56
C GLY A 53 -18.66 -27.27 -27.31
N THR A 54 -18.04 -26.13 -27.59
CA THR A 54 -18.68 -24.86 -27.29
C THR A 54 -18.28 -23.79 -28.25
N ASN A 55 -19.26 -22.94 -28.57
CA ASN A 55 -19.06 -21.76 -29.39
C ASN A 55 -18.78 -20.59 -28.48
N GLU A 56 -17.53 -20.50 -28.02
CA GLU A 56 -17.07 -19.45 -27.13
C GLU A 56 -17.47 -18.06 -27.63
N LEU A 57 -17.02 -17.73 -28.85
CA LEU A 57 -17.26 -16.43 -29.47
C LEU A 57 -18.73 -16.04 -29.50
N ALA A 58 -19.59 -16.99 -29.81
CA ALA A 58 -21.02 -16.71 -29.80
C ALA A 58 -21.43 -16.15 -28.43
N ILE A 59 -21.06 -16.89 -27.39
CA ILE A 59 -21.33 -16.55 -25.99
C ILE A 59 -20.76 -15.20 -25.60
N ILE A 60 -19.49 -14.98 -25.95
CA ILE A 60 -18.81 -13.73 -25.68
C ILE A 60 -19.51 -12.55 -26.35
N ASN A 61 -19.74 -12.67 -27.65
CA ASN A 61 -20.37 -11.59 -28.43
C ASN A 61 -21.74 -11.17 -27.88
N ILE A 62 -22.38 -12.06 -27.12
CA ILE A 62 -23.61 -11.70 -26.42
C ILE A 62 -23.33 -11.10 -25.02
N LEU A 63 -22.78 -11.90 -24.12
CA LEU A 63 -22.67 -11.50 -22.71
C LEU A 63 -21.79 -10.28 -22.49
N ALA A 64 -20.67 -10.21 -23.20
CA ALA A 64 -19.78 -9.07 -23.06
C ALA A 64 -20.22 -7.83 -23.90
N ARG A 65 -21.38 -7.94 -24.52
CA ARG A 65 -21.94 -6.82 -25.27
C ARG A 65 -23.28 -6.40 -24.68
N ARG A 66 -23.49 -6.72 -23.41
CA ARG A 66 -24.73 -6.41 -22.72
C ARG A 66 -24.51 -5.77 -21.35
N THR A 67 -25.52 -5.06 -20.86
CA THR A 67 -25.40 -4.45 -19.54
C THR A 67 -25.71 -5.48 -18.48
N ASN A 68 -25.33 -5.15 -17.26
CA ASN A 68 -25.70 -5.99 -16.14
C ASN A 68 -27.21 -6.32 -16.13
N TYR A 69 -28.05 -5.30 -16.34
CA TYR A 69 -29.49 -5.50 -16.34
C TYR A 69 -29.94 -6.44 -17.45
N GLU A 70 -29.49 -6.17 -18.68
CA GLU A 70 -29.75 -7.07 -19.81
C GLU A 70 -29.26 -8.50 -19.56
N ARG A 71 -28.03 -8.62 -19.11
CA ARG A 71 -27.48 -9.91 -18.72
C ARG A 71 -28.41 -10.61 -17.74
N GLN A 72 -28.84 -9.88 -16.71
CA GLN A 72 -29.75 -10.45 -15.74
C GLN A 72 -31.09 -10.87 -16.34
N GLU A 73 -31.64 -10.06 -17.23
CA GLU A 73 -32.85 -10.44 -17.95
C GLU A 73 -32.63 -11.73 -18.71
N ILE A 74 -31.47 -11.86 -19.34
CA ILE A 74 -31.16 -13.07 -20.08
C ILE A 74 -31.14 -14.27 -19.13
N CYS A 75 -30.44 -14.13 -18.00
CA CYS A 75 -30.38 -15.20 -17.00
CA CYS A 75 -30.38 -15.21 -17.01
C CYS A 75 -31.80 -15.68 -16.69
N GLN A 76 -32.65 -14.72 -16.35
CA GLN A 76 -34.04 -14.91 -15.97
C GLN A 76 -34.88 -15.53 -17.08
N SER A 77 -34.54 -15.16 -18.31
CA SER A 77 -35.22 -15.67 -19.48
C SER A 77 -34.89 -17.15 -19.67
N TYR A 78 -33.59 -17.43 -19.80
CA TYR A 78 -33.12 -18.78 -20.06
C TYR A 78 -33.57 -19.75 -18.95
N LYS A 79 -33.84 -19.22 -17.74
CA LYS A 79 -34.23 -20.04 -16.60
C LYS A 79 -35.66 -20.56 -16.74
N SER A 80 -36.50 -19.78 -17.40
CA SER A 80 -37.87 -20.20 -17.65
C SER A 80 -38.03 -20.82 -19.04
N LEU A 81 -37.26 -20.33 -20.00
CA LEU A 81 -37.32 -20.87 -21.35
C LEU A 81 -36.66 -22.25 -21.46
N TYR A 82 -35.96 -22.67 -20.41
CA TYR A 82 -35.23 -23.94 -20.46
C TYR A 82 -35.27 -24.76 -19.17
N LYS A 83 -35.92 -24.23 -18.14
CA LYS A 83 -35.91 -24.92 -16.85
C LYS A 83 -34.49 -25.34 -16.48
N GLN A 84 -33.51 -24.60 -16.97
CA GLN A 84 -32.11 -24.81 -16.63
C GLN A 84 -31.52 -23.53 -16.06
N ASP A 85 -30.31 -23.61 -15.52
CA ASP A 85 -29.69 -22.46 -14.85
C ASP A 85 -28.50 -21.96 -15.67
N LEU A 86 -28.64 -20.79 -16.28
CA LEU A 86 -27.61 -20.29 -17.18
C LEU A 86 -26.23 -20.31 -16.53
N LYS A 87 -26.16 -19.82 -15.29
CA LYS A 87 -24.88 -19.81 -14.58
C LYS A 87 -24.27 -21.22 -14.59
N ASP A 88 -25.08 -22.21 -14.24
CA ASP A 88 -24.64 -23.61 -14.19
C ASP A 88 -24.24 -24.17 -15.55
N ASP A 89 -25.07 -23.91 -16.55
CA ASP A 89 -24.81 -24.39 -17.91
C ASP A 89 -23.54 -23.80 -18.52
N LEU A 90 -23.22 -22.57 -18.15
CA LEU A 90 -22.00 -21.94 -18.63
C LEU A 90 -20.80 -22.53 -17.89
N LYS A 91 -20.97 -22.81 -16.61
CA LYS A 91 -19.88 -23.29 -15.77
C LYS A 91 -19.43 -24.65 -16.27
N SER A 92 -20.39 -25.47 -16.68
CA SER A 92 -20.09 -26.83 -17.08
C SER A 92 -19.64 -26.92 -18.53
N ASP A 93 -19.90 -25.87 -19.29
CA ASP A 93 -19.44 -25.79 -20.69
C ASP A 93 -18.09 -25.11 -20.89
N THR A 94 -17.56 -24.50 -19.85
CA THR A 94 -16.30 -23.78 -19.98
C THR A 94 -15.36 -24.12 -18.81
N SER A 95 -14.13 -23.60 -18.87
CA SER A 95 -13.19 -23.77 -17.77
C SER A 95 -12.08 -22.71 -17.73
N GLY A 96 -11.19 -22.89 -16.76
CA GLY A 96 -10.07 -21.97 -16.59
C GLY A 96 -10.50 -20.52 -16.55
N ASP A 97 -9.69 -19.65 -17.17
CA ASP A 97 -9.80 -18.21 -17.02
C ASP A 97 -11.11 -17.74 -17.64
N PHE A 98 -11.54 -18.45 -18.67
CA PHE A 98 -12.75 -18.13 -19.39
C PHE A 98 -13.97 -18.33 -18.50
N ARG A 99 -14.03 -19.47 -17.85
CA ARG A 99 -15.09 -19.71 -16.89
C ARG A 99 -15.15 -18.61 -15.79
N LYS A 100 -14.01 -18.27 -15.18
CA LYS A 100 -13.93 -17.18 -14.20
C LYS A 100 -14.64 -15.92 -14.70
N VAL A 101 -14.26 -15.45 -15.89
CA VAL A 101 -14.81 -14.22 -16.42
C VAL A 101 -16.32 -14.35 -16.62
N LEU A 102 -16.75 -15.49 -17.16
CA LEU A 102 -18.17 -15.71 -17.35
C LEU A 102 -18.91 -15.67 -16.01
N CYS A 103 -18.34 -16.25 -14.97
CA CYS A 103 -19.03 -16.23 -13.70
C CYS A 103 -19.16 -14.78 -13.20
N GLN A 104 -18.12 -13.99 -13.40
CA GLN A 104 -18.17 -12.59 -12.99
C GLN A 104 -19.23 -11.84 -13.80
N LEU A 105 -19.45 -12.29 -15.03
CA LEU A 105 -20.32 -11.57 -15.95
C LEU A 105 -21.79 -11.86 -15.73
N ILE A 106 -22.13 -13.13 -15.49
CA ILE A 106 -23.55 -13.49 -15.34
C ILE A 106 -24.07 -13.35 -13.92
N VAL A 107 -23.24 -12.87 -13.02
CA VAL A 107 -23.72 -12.54 -11.69
C VAL A 107 -24.18 -11.07 -11.61
N ASP A 108 -25.33 -10.83 -10.97
CA ASP A 108 -25.83 -9.48 -10.76
C ASP A 108 -24.74 -8.66 -10.08
N THR A 109 -24.47 -7.46 -10.63
CA THR A 109 -23.32 -6.67 -10.19
C THR A 109 -23.09 -6.64 -8.68
N PRO A 110 -24.13 -6.27 -7.91
CA PRO A 110 -23.97 -6.19 -6.45
C PRO A 110 -23.48 -7.48 -5.81
N TYR A 111 -23.92 -8.63 -6.33
CA TYR A 111 -23.46 -9.91 -5.77
C TYR A 111 -22.01 -10.17 -6.15
N MET A 112 -21.69 -9.88 -7.40
CA MET A 112 -20.30 -9.81 -7.85
C MET A 112 -19.40 -9.01 -6.88
N LEU A 113 -19.78 -7.78 -6.61
CA LEU A 113 -18.98 -6.96 -5.71
C LEU A 113 -18.95 -7.55 -4.29
N ALA A 114 -20.11 -8.00 -3.83
CA ALA A 114 -20.23 -8.55 -2.46
C ALA A 114 -19.26 -9.72 -2.28
N LYS A 115 -19.20 -10.60 -3.29
CA LYS A 115 -18.28 -11.73 -3.22
C LYS A 115 -16.81 -11.28 -3.13
N SER A 116 -16.43 -10.28 -3.90
CA SER A 116 -15.04 -9.82 -3.86
C SER A 116 -14.75 -9.14 -2.53
N LEU A 117 -15.70 -8.39 -1.99
CA LEU A 117 -15.57 -7.81 -0.65
C LEU A 117 -15.34 -8.95 0.34
N TYR A 118 -16.11 -10.01 0.17
CA TYR A 118 -15.99 -11.17 1.04
C TYR A 118 -14.58 -11.77 0.97
N TYR A 119 -14.07 -11.99 -0.24
CA TYR A 119 -12.73 -12.55 -0.34
C TYR A 119 -11.64 -11.57 0.11
N ALA A 120 -11.93 -10.28 0.03
CA ALA A 120 -10.99 -9.26 0.47
C ALA A 120 -10.78 -9.33 1.98
N MET A 121 -11.78 -9.86 2.69
CA MET A 121 -11.72 -9.86 4.14
C MET A 121 -11.50 -11.27 4.70
N LYS A 122 -12.08 -12.28 4.07
CA LYS A 122 -11.77 -13.64 4.43
C LYS A 122 -10.28 -13.80 4.16
N GLY A 123 -9.61 -14.58 5.00
CA GLY A 123 -8.18 -14.74 4.84
C GLY A 123 -7.38 -13.92 5.83
N LEU A 124 -6.08 -14.18 5.89
CA LEU A 124 -5.23 -13.44 6.80
C LEU A 124 -4.95 -12.07 6.22
N GLY A 125 -5.06 -11.06 7.08
CA GLY A 125 -4.89 -9.69 6.65
C GLY A 125 -6.15 -9.20 5.97
N THR A 126 -6.02 -8.08 5.29
CA THR A 126 -7.18 -7.44 4.69
C THR A 126 -6.75 -6.82 3.41
N ASN A 127 -7.41 -7.20 2.33
CA ASN A 127 -7.16 -6.57 1.06
C ASN A 127 -7.81 -5.20 0.99
N ASP A 128 -7.16 -4.24 1.64
CA ASP A 128 -7.61 -2.87 1.67
C ASP A 128 -7.81 -2.29 0.28
N ARG A 129 -6.84 -2.54 -0.60
CA ARG A 129 -6.94 -2.09 -1.98
C ARG A 129 -8.29 -2.43 -2.59
N VAL A 130 -8.77 -3.65 -2.34
CA VAL A 130 -10.09 -4.05 -2.88
C VAL A 130 -11.25 -3.31 -2.20
N LEU A 131 -11.19 -3.15 -0.89
CA LEU A 131 -12.23 -2.42 -0.19
C LEU A 131 -12.30 -0.98 -0.71
N ILE A 132 -11.12 -0.36 -0.87
CA ILE A 132 -11.07 1.03 -1.31
C ILE A 132 -11.57 1.15 -2.74
N GLU A 133 -11.18 0.20 -3.58
CA GLU A 133 -11.55 0.22 -4.98
C GLU A 133 -13.07 0.07 -5.15
N ILE A 134 -13.65 -0.91 -4.48
CA ILE A 134 -15.08 -1.15 -4.60
C ILE A 134 -15.92 -0.01 -3.96
N PHE A 135 -15.61 0.30 -2.70
CA PHE A 135 -16.42 1.25 -1.94
C PHE A 135 -16.39 2.62 -2.57
N THR A 136 -15.23 2.99 -3.11
CA THR A 136 -15.08 4.28 -3.76
C THR A 136 -16.13 4.46 -4.88
N THR A 137 -16.55 3.34 -5.49
CA THR A 137 -17.36 3.42 -6.72
C THR A 137 -18.85 3.18 -6.52
N LEU A 138 -19.26 3.08 -5.26
CA LEU A 138 -20.65 2.81 -4.93
C LEU A 138 -21.28 4.05 -4.33
N TRP A 139 -22.47 4.40 -4.80
CA TRP A 139 -23.25 5.44 -4.11
C TRP A 139 -24.32 4.81 -3.17
N ASN A 140 -24.93 5.62 -2.30
CA ASN A 140 -25.80 5.09 -1.23
C ASN A 140 -26.71 3.88 -1.56
N ASP A 141 -27.57 4.01 -2.57
CA ASP A 141 -28.47 2.92 -2.91
C ASP A 141 -27.76 1.65 -3.36
N GLU A 142 -26.73 1.84 -4.18
CA GLU A 142 -25.88 0.74 -4.64
C GLU A 142 -25.18 0.07 -3.46
N MET A 143 -24.66 0.88 -2.55
CA MET A 143 -24.02 0.40 -1.31
C MET A 143 -24.95 -0.53 -0.53
N LYS A 144 -26.24 -0.15 -0.46
CA LYS A 144 -27.22 -0.93 0.29
C LYS A 144 -27.53 -2.28 -0.37
N ALA A 145 -27.57 -2.28 -1.71
CA ALA A 145 -27.82 -3.49 -2.48
C ALA A 145 -26.62 -4.45 -2.38
N VAL A 146 -25.43 -3.88 -2.22
CA VAL A 146 -24.24 -4.69 -2.06
C VAL A 146 -24.23 -5.32 -0.66
N ALA A 147 -24.60 -4.54 0.33
CA ALA A 147 -24.70 -5.04 1.70
C ALA A 147 -25.74 -6.17 1.83
N ASP A 148 -26.86 -6.04 1.12
CA ASP A 148 -27.85 -7.10 1.08
C ASP A 148 -27.25 -8.34 0.42
N ALA A 149 -26.60 -8.11 -0.71
CA ALA A 149 -26.03 -9.21 -1.48
C ALA A 149 -24.95 -9.91 -0.64
N TYR A 150 -24.21 -9.13 0.16
CA TYR A 150 -23.23 -9.70 1.07
C TYR A 150 -23.83 -10.75 1.99
N LYS A 151 -24.95 -10.39 2.64
CA LYS A 151 -25.65 -11.33 3.50
C LYS A 151 -25.93 -12.63 2.75
N GLN A 152 -26.40 -12.51 1.51
CA GLN A 152 -26.61 -13.68 0.65
C GLN A 152 -25.33 -14.49 0.38
N VAL A 153 -24.19 -13.82 0.22
CA VAL A 153 -22.95 -14.54 -0.01
C VAL A 153 -22.57 -15.36 1.22
N LEU A 154 -22.81 -14.79 2.39
CA LEU A 154 -22.54 -15.51 3.63
C LEU A 154 -23.41 -16.77 3.68
N LYS A 155 -24.71 -16.61 3.43
CA LYS A 155 -25.62 -17.76 3.38
C LYS A 155 -25.06 -18.75 2.36
N ASP A 156 -24.77 -18.25 1.16
CA ASP A 156 -24.30 -19.06 0.05
C ASP A 156 -23.03 -19.86 0.39
N LYS A 157 -22.31 -19.43 1.40
CA LYS A 157 -21.03 -20.06 1.76
C LYS A 157 -21.11 -20.78 3.11
N GLY A 158 -22.30 -21.27 3.45
CA GLY A 158 -22.50 -22.06 4.65
C GLY A 158 -22.32 -21.33 5.97
N SER A 159 -22.81 -20.10 6.06
CA SER A 159 -22.77 -19.34 7.31
C SER A 159 -24.12 -19.39 8.03
N GLU A 160 -24.15 -20.07 9.17
CA GLU A 160 -25.37 -20.18 9.95
C GLU A 160 -25.52 -19.00 10.89
N GLU A 161 -24.53 -18.11 10.86
CA GLU A 161 -24.53 -16.93 11.73
C GLU A 161 -25.67 -15.97 11.38
N SER A 162 -26.65 -15.89 12.28
CA SER A 162 -27.84 -15.08 12.06
C SER A 162 -27.54 -13.60 11.81
N GLU A 163 -26.70 -13.00 12.65
CA GLU A 163 -26.53 -11.55 12.61
C GLU A 163 -25.32 -11.03 11.80
N ARG A 164 -24.54 -11.93 11.23
CA ARG A 164 -23.33 -11.51 10.52
C ARG A 164 -23.68 -10.66 9.29
N SER A 165 -22.95 -9.56 9.13
CA SER A 165 -23.24 -8.60 8.07
C SER A 165 -21.96 -8.01 7.49
N LEU A 166 -22.08 -7.27 6.37
CA LEU A 166 -20.92 -6.62 5.74
C LEU A 166 -20.23 -5.68 6.74
N VAL A 167 -21.03 -4.85 7.41
CA VAL A 167 -20.47 -3.95 8.40
C VAL A 167 -19.87 -4.76 9.54
N THR A 168 -20.56 -5.82 9.96
CA THR A 168 -20.00 -6.73 10.95
C THR A 168 -18.59 -7.15 10.55
N ASP A 169 -18.47 -7.72 9.35
CA ASP A 169 -17.16 -8.14 8.85
C ASP A 169 -16.12 -7.02 8.77
N MET A 170 -16.51 -5.84 8.28
CA MET A 170 -15.59 -4.72 8.20
C MET A 170 -15.11 -4.25 9.55
N LYS A 171 -16.03 -4.05 10.49
CA LYS A 171 -15.70 -3.59 11.83
C LYS A 171 -14.58 -4.45 12.42
N LYS A 172 -14.76 -5.78 12.32
CA LYS A 172 -13.79 -6.73 12.83
C LYS A 172 -12.49 -6.64 12.03
N GLU A 173 -12.64 -6.28 10.76
CA GLU A 173 -11.56 -6.27 9.80
C GLU A 173 -10.74 -4.98 9.85
N THR A 174 -11.34 -3.93 10.41
CA THR A 174 -10.81 -2.59 10.24
C THR A 174 -10.83 -1.72 11.52
N CYS A 175 -10.04 -0.65 11.51
CA CYS A 175 -9.84 0.19 12.70
C CYS A 175 -9.38 1.61 12.31
N GLY A 176 -9.38 2.50 13.30
CA GLY A 176 -8.89 3.87 13.16
C GLY A 176 -9.67 4.79 12.22
N ASP A 177 -8.97 5.82 11.72
CA ASP A 177 -9.55 6.81 10.79
C ASP A 177 -10.15 6.15 9.56
N TYR A 178 -9.37 5.20 9.04
CA TYR A 178 -9.73 4.39 7.89
C TYR A 178 -11.04 3.62 8.11
N GLU A 179 -11.22 3.04 9.30
CA GLU A 179 -12.45 2.31 9.60
C GLU A 179 -13.63 3.25 9.58
N TYR A 180 -13.48 4.37 10.27
CA TYR A 180 -14.53 5.34 10.37
C TYR A 180 -14.98 5.78 8.98
N ALA A 181 -14.00 6.09 8.14
CA ALA A 181 -14.26 6.53 6.76
C ALA A 181 -14.97 5.46 5.93
N LEU A 182 -14.49 4.23 6.04
CA LEU A 182 -15.14 3.10 5.40
C LEU A 182 -16.59 2.97 5.88
N LEU A 183 -16.78 2.93 7.20
CA LEU A 183 -18.11 2.75 7.75
C LEU A 183 -19.04 3.86 7.26
N SER A 184 -18.51 5.05 7.13
CA SER A 184 -19.33 6.14 6.60
C SER A 184 -19.90 5.73 5.23
N LEU A 185 -19.01 5.37 4.31
CA LEU A 185 -19.45 4.99 2.97
C LEU A 185 -20.46 3.84 3.01
N VAL A 186 -20.17 2.87 3.87
CA VAL A 186 -20.97 1.67 3.94
C VAL A 186 -22.32 1.97 4.61
N GLN A 187 -22.26 2.86 5.60
CA GLN A 187 -23.45 3.46 6.20
C GLN A 187 -24.38 4.02 5.14
N ALA A 188 -23.82 4.23 3.94
CA ALA A 188 -24.55 4.76 2.80
C ALA A 188 -25.30 6.06 3.14
N GLU A 189 -24.57 7.01 3.74
CA GLU A 189 -25.16 8.30 4.04
C GLU A 189 -24.36 9.45 3.46
N ARG A 190 -24.12 9.35 2.16
CA ARG A 190 -23.47 10.41 1.41
C ARG A 190 -24.57 11.34 0.90
N ASP A 191 -24.23 12.61 0.66
CA ASP A 191 -25.19 13.56 0.12
C ASP A 191 -25.79 12.99 -1.13
N ASP A 192 -27.11 13.07 -1.23
CA ASP A 192 -27.84 12.56 -2.39
C ASP A 192 -28.20 13.67 -3.36
N ILE A 193 -28.37 13.28 -4.62
CA ILE A 193 -29.03 14.12 -5.64
C ILE A 193 -30.17 13.33 -6.26
N PRO A 194 -31.41 13.82 -6.06
CA PRO A 194 -32.65 13.17 -6.53
C PRO A 194 -32.57 12.86 -8.02
N ILE A 195 -33.14 11.72 -8.44
CA ILE A 195 -33.04 11.32 -9.85
C ILE A 195 -33.41 12.45 -10.82
N LEU A 196 -34.48 13.19 -10.50
CA LEU A 196 -34.94 14.33 -11.31
C LEU A 196 -33.82 15.33 -11.56
N GLN A 197 -33.19 15.80 -10.49
CA GLN A 197 -32.06 16.72 -10.59
C GLN A 197 -30.92 16.13 -11.42
N LEU A 198 -30.61 14.85 -11.21
CA LEU A 198 -29.55 14.18 -11.96
C LEU A 198 -29.86 14.20 -13.45
N LYS A 199 -31.05 13.70 -13.78
CA LYS A 199 -31.47 13.60 -15.17
C LYS A 199 -31.37 14.96 -15.89
N ALA A 200 -31.61 16.02 -15.15
CA ALA A 200 -31.64 17.36 -15.74
C ALA A 200 -30.27 18.00 -15.92
N ILE A 201 -29.21 17.29 -15.52
CA ILE A 201 -27.86 17.86 -15.61
C ILE A 201 -27.52 18.32 -17.04
N PRO A 202 -27.84 17.47 -18.05
CA PRO A 202 -27.55 17.84 -19.45
C PRO A 202 -28.20 19.17 -19.83
N ASP A 203 -29.35 19.47 -19.22
CA ASP A 203 -30.10 20.68 -19.53
C ASP A 203 -29.73 21.85 -18.63
N LYS A 204 -29.79 21.64 -17.32
CA LYS A 204 -29.60 22.76 -16.40
C LYS A 204 -28.14 22.90 -15.94
N GLY A 205 -27.33 21.91 -16.27
CA GLY A 205 -25.92 21.96 -15.91
C GLY A 205 -25.67 21.36 -14.55
N VAL A 206 -24.60 21.79 -13.92
CA VAL A 206 -24.21 21.26 -12.62
C VAL A 206 -24.25 22.38 -11.60
N ASN A 207 -24.23 23.61 -12.10
CA ASN A 207 -24.44 24.76 -11.23
C ASN A 207 -25.71 24.51 -10.44
N SER A 208 -26.66 23.84 -11.10
CA SER A 208 -27.95 23.53 -10.50
C SER A 208 -27.88 22.64 -9.27
N ILE A 209 -26.92 21.71 -9.25
CA ILE A 209 -26.86 20.74 -8.16
C ILE A 209 -25.61 20.83 -7.28
N ILE A 210 -24.96 21.99 -7.30
CA ILE A 210 -23.84 22.28 -6.40
C ILE A 210 -24.12 23.55 -5.59
N ASN A 211 -23.24 23.87 -4.65
CA ASN A 211 -23.50 24.95 -3.71
C ASN A 211 -22.22 25.64 -3.28
N HIS A 212 -22.03 26.88 -3.75
CA HIS A 212 -20.78 27.60 -3.52
C HIS A 212 -20.57 27.98 -2.05
N GLU A 213 -21.66 28.28 -1.37
CA GLU A 213 -21.63 28.57 0.05
C GLU A 213 -21.04 27.37 0.79
N LEU A 214 -21.65 26.21 0.55
CA LEU A 214 -21.22 24.97 1.15
C LEU A 214 -19.75 24.69 0.84
N ALA A 215 -19.41 24.75 -0.44
CA ALA A 215 -18.03 24.53 -0.90
C ALA A 215 -17.01 25.44 -0.19
N GLU A 216 -17.32 26.74 -0.08
CA GLU A 216 -16.49 27.69 0.66
C GLU A 216 -16.30 27.30 2.12
N ALA A 217 -17.41 27.02 2.78
CA ALA A 217 -17.40 26.66 4.18
C ALA A 217 -16.52 25.44 4.35
N ASP A 218 -16.72 24.47 3.47
CA ASP A 218 -15.98 23.23 3.54
C ASP A 218 -14.48 23.46 3.34
N ALA A 219 -14.13 24.22 2.31
CA ALA A 219 -12.74 24.57 2.09
C ALA A 219 -12.09 25.20 3.34
N LYS A 220 -12.74 26.23 3.89
CA LYS A 220 -12.24 26.87 5.10
C LYS A 220 -12.13 25.84 6.23
N ASP A 221 -13.14 25.00 6.33
CA ASP A 221 -13.19 23.93 7.30
C ASP A 221 -11.95 23.02 7.21
N LEU A 222 -11.63 22.61 5.99
CA LEU A 222 -10.52 21.71 5.73
C LEU A 222 -9.17 22.32 6.01
N TYR A 223 -8.95 23.53 5.50
CA TYR A 223 -7.72 24.25 5.74
C TYR A 223 -7.39 24.35 7.23
N ALA A 224 -8.43 24.36 8.07
CA ALA A 224 -8.24 24.39 9.50
C ALA A 224 -7.89 23.01 10.09
N SER A 225 -7.75 22.01 9.22
CA SER A 225 -7.36 20.67 9.66
C SER A 225 -5.84 20.51 9.65
N GLU A 234 -10.18 13.34 14.00
CA GLU A 234 -10.83 14.41 13.26
C GLU A 234 -11.68 13.88 12.09
N ARG A 235 -12.99 14.05 12.21
CA ARG A 235 -13.93 13.58 11.20
C ARG A 235 -14.22 14.68 10.19
N ARG A 236 -13.50 15.80 10.29
CA ARG A 236 -13.74 16.93 9.39
C ARG A 236 -13.42 16.58 7.94
N ILE A 237 -12.25 16.01 7.70
CA ILE A 237 -11.88 15.65 6.33
C ILE A 237 -12.77 14.52 5.82
N THR A 238 -13.03 13.53 6.66
CA THR A 238 -13.88 12.42 6.29
C THR A 238 -15.25 12.90 5.86
N ARG A 239 -15.88 13.72 6.71
CA ARG A 239 -17.20 14.30 6.42
C ARG A 239 -17.25 14.98 5.06
N VAL A 240 -16.24 15.77 4.72
CA VAL A 240 -16.30 16.47 3.43
C VAL A 240 -16.01 15.53 2.26
N ILE A 241 -14.87 14.86 2.31
CA ILE A 241 -14.46 14.02 1.17
C ILE A 241 -15.46 12.88 0.92
N CYS A 242 -15.94 12.24 1.98
CA CYS A 242 -16.79 11.08 1.76
C CYS A 242 -18.27 11.38 1.51
N ASN A 243 -18.76 12.49 2.05
CA ASN A 243 -20.19 12.76 1.95
C ASN A 243 -20.60 13.55 0.74
N ARG A 244 -19.72 14.45 0.30
CA ARG A 244 -20.09 15.35 -0.79
C ARG A 244 -20.16 14.58 -2.09
N THR A 245 -21.10 14.97 -2.93
CA THR A 245 -21.23 14.37 -4.25
C THR A 245 -20.00 14.71 -5.10
N PRO A 246 -19.83 13.98 -6.20
CA PRO A 246 -18.64 14.24 -7.02
C PRO A 246 -18.64 15.68 -7.47
N TYR A 247 -19.79 16.15 -7.90
CA TYR A 247 -19.96 17.52 -8.37
C TYR A 247 -19.65 18.56 -7.30
N GLN A 248 -20.20 18.37 -6.11
CA GLN A 248 -19.92 19.25 -4.98
C GLN A 248 -18.42 19.26 -4.66
N LEU A 249 -17.84 18.05 -4.60
CA LEU A 249 -16.42 17.87 -4.30
C LEU A 249 -15.52 18.60 -5.29
N TYR A 250 -15.85 18.47 -6.57
CA TYR A 250 -15.07 19.15 -7.59
C TYR A 250 -15.03 20.67 -7.33
N LEU A 251 -16.21 21.27 -7.19
CA LEU A 251 -16.29 22.69 -6.87
C LEU A 251 -15.49 23.06 -5.61
N THR A 252 -15.59 22.22 -4.58
CA THR A 252 -14.85 22.44 -3.34
C THR A 252 -13.35 22.43 -3.61
N SER A 253 -12.94 21.51 -4.47
CA SER A 253 -11.55 21.40 -4.84
C SER A 253 -11.10 22.73 -5.47
N GLU A 254 -11.85 23.24 -6.43
CA GLU A 254 -11.48 24.48 -7.12
C GLU A 254 -11.40 25.68 -6.16
N ILE A 255 -12.46 25.86 -5.38
CA ILE A 255 -12.49 26.95 -4.42
C ILE A 255 -11.27 26.88 -3.50
N TYR A 256 -10.94 25.67 -3.05
CA TYR A 256 -9.84 25.47 -2.11
C TYR A 256 -8.51 25.97 -2.69
N PHE A 257 -8.29 25.74 -3.98
CA PHE A 257 -7.02 26.15 -4.62
C PHE A 257 -6.98 27.66 -4.81
N LYS A 258 -8.13 28.23 -5.18
CA LYS A 258 -8.26 29.67 -5.28
C LYS A 258 -7.96 30.33 -3.94
N MET A 259 -8.55 29.78 -2.89
CA MET A 259 -8.36 30.36 -1.56
C MET A 259 -6.96 30.15 -0.98
N TYR A 260 -6.34 29.00 -1.27
CA TYR A 260 -5.11 28.65 -0.55
C TYR A 260 -3.86 28.44 -1.40
N GLY A 261 -4.01 28.28 -2.71
CA GLY A 261 -2.85 28.15 -3.58
C GLY A 261 -2.21 26.77 -3.56
N LYS A 262 -2.73 25.93 -2.68
CA LYS A 262 -2.42 24.50 -2.68
C LYS A 262 -3.72 23.76 -3.08
N THR A 263 -3.60 22.67 -3.83
CA THR A 263 -4.78 21.88 -4.17
C THR A 263 -5.30 21.08 -2.98
N LEU A 264 -6.57 20.69 -3.04
CA LEU A 264 -7.17 19.89 -1.98
C LEU A 264 -6.48 18.51 -1.94
N LEU A 265 -6.24 17.92 -3.09
CA LEU A 265 -5.44 16.72 -3.19
C LEU A 265 -4.12 16.86 -2.42
N GLU A 266 -3.34 17.87 -2.75
CA GLU A 266 -2.03 18.05 -2.11
C GLU A 266 -2.19 18.10 -0.61
N HIS A 267 -3.27 18.75 -0.18
CA HIS A 267 -3.52 19.00 1.22
C HIS A 267 -3.81 17.69 1.92
N ILE A 268 -4.71 16.92 1.32
CA ILE A 268 -5.08 15.63 1.85
C ILE A 268 -3.86 14.74 2.00
N GLU A 269 -2.97 14.80 1.01
CA GLU A 269 -1.78 13.95 0.99
C GLU A 269 -0.78 14.22 2.10
N SER A 270 -0.53 15.48 2.39
CA SER A 270 0.42 15.83 3.43
C SER A 270 -0.19 15.68 4.80
N GLU A 271 -1.51 15.68 4.86
CA GLU A 271 -2.20 15.70 6.14
C GLU A 271 -2.61 14.31 6.63
N THR A 272 -2.68 13.35 5.70
CA THR A 272 -3.14 12.02 6.06
C THR A 272 -2.12 10.95 5.67
N SER A 273 -2.20 9.80 6.32
CA SER A 273 -1.29 8.70 6.05
C SER A 273 -2.01 7.38 5.83
N GLY A 274 -1.28 6.40 5.27
CA GLY A 274 -1.74 5.03 5.14
C GLY A 274 -2.99 4.80 4.33
N ASP A 275 -3.78 3.81 4.74
CA ASP A 275 -4.99 3.45 4.02
C ASP A 275 -6.03 4.55 4.10
N TYR A 276 -6.05 5.26 5.21
CA TYR A 276 -6.95 6.41 5.34
C TYR A 276 -6.70 7.40 4.20
N ARG A 277 -5.43 7.81 4.07
CA ARG A 277 -5.03 8.62 2.91
C ARG A 277 -5.41 8.01 1.55
N LYS A 278 -5.08 6.73 1.35
CA LYS A 278 -5.38 6.09 0.08
C LYS A 278 -6.86 6.21 -0.26
N LEU A 279 -7.71 5.96 0.74
CA LEU A 279 -9.16 6.03 0.59
C LEU A 279 -9.59 7.45 0.21
N LEU A 280 -9.15 8.43 1.00
CA LEU A 280 -9.51 9.82 0.75
C LEU A 280 -9.12 10.20 -0.65
N VAL A 281 -7.86 9.94 -1.01
CA VAL A 281 -7.37 10.28 -2.34
C VAL A 281 -8.17 9.61 -3.46
N ALA A 282 -8.50 8.34 -3.28
CA ALA A 282 -9.37 7.64 -4.21
C ALA A 282 -10.75 8.31 -4.37
N VAL A 283 -11.38 8.63 -3.23
CA VAL A 283 -12.71 9.24 -3.26
C VAL A 283 -12.65 10.59 -4.01
N LEU A 284 -11.66 11.41 -3.65
CA LEU A 284 -11.47 12.72 -4.28
C LEU A 284 -11.25 12.60 -5.76
N ARG A 285 -10.33 11.71 -6.14
CA ARG A 285 -9.99 11.51 -7.55
C ARG A 285 -11.14 10.91 -8.34
N TYR A 286 -11.97 10.14 -7.66
CA TYR A 286 -13.18 9.60 -8.27
C TYR A 286 -14.05 10.75 -8.77
N ALA A 287 -13.95 11.85 -8.04
CA ALA A 287 -14.68 13.06 -8.31
C ALA A 287 -13.96 13.93 -9.33
N ILE A 288 -12.66 14.22 -9.11
CA ILE A 288 -11.98 15.24 -9.90
C ILE A 288 -10.97 14.74 -10.94
N ASP A 289 -10.56 13.48 -10.87
CA ASP A 289 -9.54 12.96 -11.79
C ASP A 289 -9.84 11.50 -12.14
N ARG A 290 -11.11 11.19 -12.34
CA ARG A 290 -11.54 9.80 -12.43
C ARG A 290 -10.85 8.94 -13.50
N PRO A 291 -10.92 9.37 -14.77
CA PRO A 291 -10.33 8.60 -15.86
C PRO A 291 -8.93 8.12 -15.54
N SER A 292 -8.10 9.02 -15.03
CA SER A 292 -6.73 8.69 -14.69
C SER A 292 -6.64 7.78 -13.49
N LEU A 293 -7.47 8.04 -12.49
CA LEU A 293 -7.54 7.20 -11.29
C LEU A 293 -7.75 5.75 -11.69
N ILE A 294 -8.81 5.49 -12.45
CA ILE A 294 -9.19 4.13 -12.77
C ILE A 294 -8.20 3.54 -13.80
N ALA A 295 -7.70 4.38 -14.70
CA ALA A 295 -6.63 3.94 -15.59
C ALA A 295 -5.45 3.41 -14.79
N GLU A 296 -5.04 4.14 -13.76
CA GLU A 296 -3.90 3.67 -12.98
C GLU A 296 -4.27 2.36 -12.27
N TRP A 297 -5.52 2.23 -11.84
CA TRP A 297 -5.96 1.04 -11.11
C TRP A 297 -5.83 -0.17 -12.02
N LEU A 298 -6.27 0.03 -13.26
CA LEU A 298 -6.14 -0.99 -14.29
C LEU A 298 -4.67 -1.37 -14.51
N HIS A 299 -3.82 -0.37 -14.71
CA HIS A 299 -2.40 -0.58 -14.91
C HIS A 299 -1.86 -1.44 -13.79
N ASP A 300 -2.28 -1.11 -12.58
CA ASP A 300 -1.79 -1.79 -11.41
C ASP A 300 -2.30 -3.24 -11.33
N SER A 301 -3.50 -3.49 -11.87
CA SER A 301 -4.02 -4.85 -11.89
C SER A 301 -3.19 -5.73 -12.85
N MET A 302 -2.43 -5.10 -13.75
CA MET A 302 -1.62 -5.83 -14.71
C MET A 302 -0.12 -5.86 -14.38
N ALA A 303 0.35 -4.88 -13.60
CA ALA A 303 1.75 -4.82 -13.17
C ALA A 303 2.29 -6.17 -12.71
N GLY A 304 3.56 -6.42 -13.06
CA GLY A 304 4.25 -7.62 -12.66
C GLY A 304 3.76 -8.81 -13.47
N LEU A 305 2.87 -9.59 -12.90
CA LEU A 305 2.34 -10.75 -13.61
C LEU A 305 0.81 -10.80 -13.70
N GLY A 306 0.30 -12.02 -13.57
CA GLY A 306 -1.08 -12.38 -13.86
C GLY A 306 -2.29 -11.45 -13.79
N THR A 307 -3.20 -11.62 -12.85
CA THR A 307 -3.06 -11.85 -11.43
C THR A 307 -2.78 -10.52 -10.74
N LYS A 308 -3.67 -9.59 -11.05
CA LYS A 308 -4.73 -9.18 -10.15
C LYS A 308 -5.94 -9.40 -11.09
N ASP A 309 -6.11 -10.65 -11.56
CA ASP A 309 -7.10 -10.97 -12.59
C ASP A 309 -8.50 -10.50 -12.23
N TYR A 310 -8.84 -10.65 -10.96
CA TYR A 310 -10.15 -10.27 -10.46
C TYR A 310 -10.37 -8.77 -10.50
N ALA A 311 -9.37 -8.00 -10.07
CA ALA A 311 -9.48 -6.55 -10.14
C ALA A 311 -9.68 -6.11 -11.60
N LEU A 312 -8.93 -6.73 -12.49
CA LEU A 312 -9.00 -6.40 -13.93
C LEU A 312 -10.41 -6.68 -14.47
N MET A 313 -10.91 -7.90 -14.27
CA MET A 313 -12.25 -8.30 -14.68
C MET A 313 -13.31 -7.41 -14.06
N ARG A 314 -13.19 -7.23 -12.75
CA ARG A 314 -14.17 -6.44 -12.02
C ARG A 314 -14.22 -5.01 -12.55
N LEU A 315 -13.06 -4.43 -12.86
CA LEU A 315 -13.02 -3.04 -13.31
C LEU A 315 -13.54 -2.91 -14.72
N LEU A 316 -13.07 -3.77 -15.62
CA LEU A 316 -13.56 -3.72 -17.01
C LEU A 316 -15.07 -3.99 -17.07
N ILE A 317 -15.51 -5.05 -16.40
CA ILE A 317 -16.92 -5.41 -16.39
C ILE A 317 -17.77 -4.26 -15.87
N THR A 318 -17.40 -3.71 -14.71
CA THR A 318 -18.23 -2.63 -14.15
C THR A 318 -18.12 -1.30 -14.91
N ARG A 319 -16.91 -0.87 -15.17
CA ARG A 319 -16.72 0.45 -15.78
C ARG A 319 -17.21 0.53 -17.23
N SER A 320 -17.38 -0.63 -17.87
CA SER A 320 -17.82 -0.70 -19.26
C SER A 320 -19.16 -0.02 -19.50
N GLU A 321 -20.04 -0.09 -18.51
CA GLU A 321 -21.35 0.49 -18.72
C GLU A 321 -21.46 1.90 -18.15
N ILE A 322 -20.34 2.45 -17.68
CA ILE A 322 -20.28 3.82 -17.17
C ILE A 322 -19.34 4.76 -17.94
N ASP A 323 -18.04 4.60 -17.77
CA ASP A 323 -17.04 5.53 -18.34
C ASP A 323 -15.78 4.82 -18.93
N LEU A 324 -15.94 3.57 -19.39
CA LEU A 324 -14.75 2.81 -19.77
C LEU A 324 -13.98 3.48 -20.94
N GLN A 325 -14.71 4.00 -21.91
CA GLN A 325 -14.11 4.69 -23.05
C GLN A 325 -13.22 5.86 -22.61
N ASP A 326 -13.73 6.66 -21.67
CA ASP A 326 -12.97 7.75 -21.10
C ASP A 326 -11.70 7.25 -20.36
N ILE A 327 -11.85 6.17 -19.62
CA ILE A 327 -10.73 5.55 -18.94
C ILE A 327 -9.68 5.07 -19.97
N MET A 328 -10.15 4.45 -21.04
CA MET A 328 -9.27 4.02 -22.14
CA MET A 328 -9.24 4.01 -22.10
C MET A 328 -8.43 5.18 -22.69
N ASP A 329 -9.08 6.30 -23.00
CA ASP A 329 -8.34 7.44 -23.55
C ASP A 329 -7.29 7.91 -22.53
N ALA A 330 -7.68 8.02 -21.27
CA ALA A 330 -6.73 8.38 -20.22
C ALA A 330 -5.55 7.42 -20.15
N TYR A 331 -5.83 6.12 -20.25
CA TYR A 331 -4.80 5.12 -20.17
C TYR A 331 -3.74 5.32 -21.27
N GLU A 332 -4.20 5.48 -22.49
CA GLU A 332 -3.25 5.60 -23.59
C GLU A 332 -2.41 6.85 -23.43
N SER A 333 -3.01 7.92 -22.94
CA SER A 333 -2.28 9.18 -22.82
C SER A 333 -1.33 9.16 -21.62
N ILE A 334 -1.59 8.30 -20.65
CA ILE A 334 -0.72 8.19 -19.47
C ILE A 334 0.43 7.20 -19.64
N TYR A 335 0.19 6.10 -20.34
CA TYR A 335 1.18 5.03 -20.37
C TYR A 335 1.78 4.81 -21.74
N GLY A 336 1.24 5.48 -22.74
CA GLY A 336 1.76 5.41 -24.09
C GLY A 336 1.36 4.18 -24.87
N LYS A 337 0.48 3.38 -24.30
CA LYS A 337 0.03 2.16 -24.94
C LYS A 337 -1.48 2.04 -24.71
N SER A 338 -2.21 1.48 -25.68
CA SER A 338 -3.66 1.34 -25.52
C SER A 338 -3.97 0.38 -24.36
N LEU A 339 -5.14 0.54 -23.74
CA LEU A 339 -5.58 -0.36 -22.69
C LEU A 339 -5.77 -1.74 -23.29
N LEU A 340 -6.36 -1.73 -24.49
CA LEU A 340 -6.53 -2.91 -25.31
C LEU A 340 -5.21 -3.70 -25.39
N ASN A 341 -4.13 -3.03 -25.77
CA ASN A 341 -2.87 -3.74 -25.92
C ASN A 341 -2.29 -4.19 -24.60
N ALA A 342 -2.47 -3.37 -23.56
CA ALA A 342 -1.93 -3.78 -22.26
C ALA A 342 -2.65 -5.04 -21.82
N VAL A 343 -3.95 -5.07 -22.08
CA VAL A 343 -4.78 -6.21 -21.69
C VAL A 343 -4.42 -7.42 -22.55
N LYS A 344 -4.25 -7.19 -23.85
CA LYS A 344 -3.86 -8.24 -24.76
C LYS A 344 -2.54 -8.87 -24.33
N ASP A 345 -1.62 -8.06 -23.81
CA ASP A 345 -0.31 -8.53 -23.44
C ASP A 345 -0.28 -9.27 -22.10
N ASP A 346 -1.30 -9.07 -21.29
CA ASP A 346 -1.28 -9.66 -19.96
C ASP A 346 -2.18 -10.88 -19.84
N THR A 347 -2.99 -11.16 -20.86
CA THR A 347 -3.96 -12.24 -20.74
C THR A 347 -4.01 -13.08 -22.01
N SER A 348 -4.77 -14.16 -21.98
CA SER A 348 -4.95 -14.98 -23.18
C SER A 348 -6.23 -15.79 -23.17
N GLY A 349 -6.39 -16.55 -24.24
CA GLY A 349 -7.57 -17.37 -24.43
C GLY A 349 -8.85 -16.58 -24.59
N ASP A 350 -9.96 -17.29 -24.43
CA ASP A 350 -11.28 -16.74 -24.45
C ASP A 350 -11.46 -15.70 -23.35
N TYR A 351 -10.73 -15.88 -22.25
CA TYR A 351 -10.63 -14.85 -21.24
C TYR A 351 -10.18 -13.49 -21.82
N ARG A 352 -9.09 -13.47 -22.57
CA ARG A 352 -8.61 -12.27 -23.26
C ARG A 352 -9.67 -11.71 -24.22
N ARG A 353 -10.27 -12.58 -25.03
CA ARG A 353 -11.25 -12.19 -26.03
C ARG A 353 -12.38 -11.44 -25.34
N THR A 354 -12.85 -12.03 -24.25
CA THR A 354 -13.92 -11.46 -23.45
C THR A 354 -13.59 -10.04 -23.02
N LEU A 355 -12.43 -9.87 -22.40
CA LEU A 355 -12.02 -8.55 -21.93
C LEU A 355 -11.97 -7.58 -23.09
N CYS A 356 -11.49 -8.04 -24.24
CA CYS A 356 -11.42 -7.17 -25.41
C CYS A 356 -12.80 -6.74 -25.89
N VAL A 357 -13.76 -7.65 -25.87
CA VAL A 357 -15.11 -7.33 -26.30
C VAL A 357 -15.77 -6.33 -25.34
N LEU A 358 -15.51 -6.46 -24.04
CA LEU A 358 -16.05 -5.50 -23.07
C LEU A 358 -15.54 -4.12 -23.45
N MET A 359 -14.32 -4.07 -23.95
CA MET A 359 -13.72 -2.80 -24.31
CA MET A 359 -13.69 -2.81 -24.32
C MET A 359 -14.24 -2.28 -25.64
N GLY A 360 -14.98 -3.13 -26.35
CA GLY A 360 -15.56 -2.77 -27.63
C GLY A 360 -14.95 -3.42 -28.87
N GLU A 361 -13.89 -4.20 -28.71
CA GLU A 361 -13.30 -4.87 -29.88
C GLU A 361 -14.07 -6.15 -30.20
N ILE A 362 -14.78 -6.18 -31.32
CA ILE A 362 -15.54 -7.38 -31.67
C ILE A 362 -14.83 -8.27 -32.68
N TYR A 363 -15.09 -9.57 -32.57
CA TYR A 363 -14.55 -10.49 -33.56
C TYR A 363 -15.54 -11.48 -34.18
N ASN A 364 -15.21 -11.99 -35.36
CA ASN A 364 -16.10 -12.87 -36.11
C ASN A 364 -17.54 -12.36 -36.14
N ILE B 6 27.50 7.62 25.61
CA ILE B 6 27.09 6.24 25.38
C ILE B 6 25.94 6.19 24.39
N SER B 7 25.53 4.97 24.06
CA SER B 7 24.44 4.73 23.12
C SER B 7 23.51 3.64 23.66
N GLU B 8 22.22 3.89 23.63
CA GLU B 8 21.25 2.87 24.01
C GLU B 8 21.31 1.63 23.09
N PHE B 9 22.08 1.74 22.00
CA PHE B 9 22.22 0.60 21.07
C PHE B 9 23.56 -0.13 21.14
N GLY B 10 24.42 0.29 22.06
CA GLY B 10 25.74 -0.29 22.15
C GLY B 10 26.73 0.22 21.11
N ILE B 11 27.95 -0.29 21.16
CA ILE B 11 29.01 0.15 20.27
C ILE B 11 28.66 -0.22 18.83
N THR B 12 27.83 -1.24 18.65
CA THR B 12 27.38 -1.65 17.32
C THR B 12 25.93 -2.10 17.29
N ARG B 13 25.36 -2.16 16.09
CA ARG B 13 24.10 -2.84 15.87
C ARG B 13 24.29 -4.31 16.21
N SER B 14 23.20 -5.01 16.52
CA SER B 14 23.29 -6.45 16.78
C SER B 14 24.00 -7.16 15.64
N LEU B 15 24.91 -8.07 15.99
CA LEU B 15 25.62 -8.86 14.99
C LEU B 15 24.68 -9.70 14.14
N ILE B 16 23.48 -9.96 14.65
CA ILE B 16 22.50 -10.76 13.92
C ILE B 16 22.16 -10.17 12.55
N HIS B 17 22.44 -8.87 12.36
CA HIS B 17 22.21 -8.21 11.08
C HIS B 17 23.40 -8.35 10.10
N SER B 18 24.52 -8.84 10.60
CA SER B 18 25.82 -8.68 9.95
C SER B 18 26.16 -9.74 8.88
N PHE B 19 25.41 -10.84 8.84
CA PHE B 19 25.76 -11.93 7.94
C PHE B 19 24.61 -12.33 7.00
N ASP B 20 24.93 -12.48 5.72
CA ASP B 20 23.90 -12.89 4.78
C ASP B 20 23.48 -14.33 5.10
N PRO B 21 22.48 -14.86 4.38
CA PRO B 21 22.02 -16.21 4.69
C PRO B 21 23.15 -17.25 4.73
N HIS B 22 24.11 -17.13 3.82
CA HIS B 22 25.22 -18.09 3.73
C HIS B 22 26.36 -17.80 4.72
N GLY B 23 26.12 -16.94 5.69
CA GLY B 23 27.12 -16.71 6.72
C GLY B 23 28.16 -15.68 6.35
N LYS B 24 28.13 -15.22 5.10
CA LYS B 24 29.05 -14.18 4.63
C LYS B 24 28.75 -12.82 5.29
N HIS B 25 29.81 -12.14 5.74
CA HIS B 25 29.70 -10.77 6.26
C HIS B 25 29.09 -9.80 5.24
N TYR B 26 28.05 -9.07 5.65
CA TYR B 26 27.59 -7.92 4.85
C TYR B 26 28.64 -6.83 4.90
N ARG B 27 28.69 -5.99 3.86
CA ARG B 27 29.65 -4.89 3.79
C ARG B 27 29.01 -3.52 4.04
N PRO B 28 29.46 -2.84 5.10
CA PRO B 28 29.02 -1.48 5.45
C PRO B 28 29.82 -0.40 4.70
N THR B 29 29.35 0.83 4.73
CA THR B 29 30.14 1.92 4.19
C THR B 29 30.79 2.71 5.31
N ILE B 30 30.38 2.43 6.53
CA ILE B 30 31.04 3.03 7.70
C ILE B 30 31.45 1.98 8.74
N LYS B 31 32.73 1.95 9.05
CA LYS B 31 33.20 1.02 10.06
C LYS B 31 33.74 1.83 11.22
N PRO B 32 33.83 1.22 12.41
CA PRO B 32 34.46 1.88 13.55
C PRO B 32 35.79 2.44 13.10
N THR B 33 36.11 3.64 13.56
CA THR B 33 37.33 4.33 13.18
C THR B 33 38.49 3.87 14.07
N THR B 34 39.65 3.70 13.47
CA THR B 34 40.82 3.33 14.23
C THR B 34 41.54 4.61 14.64
N GLY B 35 41.82 4.73 15.93
CA GLY B 35 42.36 5.95 16.49
C GLY B 35 41.26 6.93 16.82
N PHE B 36 40.02 6.52 16.60
CA PHE B 36 38.87 7.38 16.92
C PHE B 36 39.09 8.16 18.20
N SER B 37 39.13 9.48 18.07
CA SER B 37 39.23 10.36 19.23
C SER B 37 37.99 11.23 19.37
N ALA B 38 37.10 10.88 20.29
CA ALA B 38 35.88 11.66 20.48
C ALA B 38 36.20 13.15 20.64
N SER B 39 37.12 13.45 21.56
CA SER B 39 37.47 14.84 21.84
C SER B 39 38.04 15.53 20.60
N ALA B 40 38.92 14.85 19.88
CA ALA B 40 39.53 15.43 18.69
C ALA B 40 38.46 15.87 17.69
N ASP B 41 37.53 14.94 17.40
CA ASP B 41 36.43 15.22 16.49
C ASP B 41 35.58 16.34 17.04
N ALA B 42 35.31 16.27 18.34
CA ALA B 42 34.51 17.28 19.01
C ALA B 42 35.13 18.68 18.89
N GLU B 43 36.44 18.80 19.09
CA GLU B 43 37.10 20.08 18.93
C GLU B 43 37.02 20.54 17.46
N ARG B 44 37.28 19.62 16.53
CA ARG B 44 37.23 19.93 15.10
C ARG B 44 35.84 20.41 14.68
N LEU B 45 34.79 19.81 15.27
CA LEU B 45 33.44 20.24 14.95
C LEU B 45 33.21 21.65 15.48
N HIS B 46 33.61 21.89 16.72
CA HIS B 46 33.42 23.19 17.35
C HIS B 46 34.11 24.30 16.56
N ARG B 47 35.35 24.06 16.16
CA ARG B 47 36.07 25.02 15.34
C ARG B 47 35.26 25.29 14.06
N SER B 48 34.71 24.22 13.46
CA SER B 48 33.98 24.29 12.19
C SER B 48 32.77 25.21 12.19
N MET B 49 32.32 25.58 13.38
CA MET B 49 31.15 26.47 13.51
C MET B 49 31.54 27.88 13.96
N LYS B 50 32.84 28.11 14.18
CA LYS B 50 33.34 29.44 14.49
C LYS B 50 33.09 30.37 13.30
N GLY B 51 33.11 31.67 13.57
CA GLY B 51 32.88 32.66 12.53
C GLY B 51 31.40 32.88 12.29
N PRO B 52 31.05 33.88 11.47
CA PRO B 52 29.65 34.11 11.10
C PRO B 52 29.06 33.02 10.20
N GLY B 53 29.92 32.29 9.49
CA GLY B 53 29.46 31.22 8.62
C GLY B 53 29.75 29.84 9.17
N THR B 54 29.86 28.87 8.27
CA THR B 54 29.99 27.48 8.67
C THR B 54 30.78 26.68 7.66
N ASN B 55 31.66 25.84 8.18
CA ASN B 55 32.41 24.90 7.36
C ASN B 55 31.59 23.59 7.29
N GLU B 56 30.59 23.58 6.42
CA GLU B 56 29.75 22.38 6.22
C GLU B 56 30.58 21.13 6.01
N LEU B 57 31.42 21.14 4.97
CA LEU B 57 32.20 19.96 4.61
C LEU B 57 32.99 19.40 5.78
N ALA B 58 33.55 20.29 6.60
CA ALA B 58 34.28 19.89 7.79
C ALA B 58 33.39 18.96 8.59
N ILE B 59 32.23 19.49 8.96
CA ILE B 59 31.23 18.79 9.75
C ILE B 59 30.79 17.49 9.10
N ILE B 60 30.51 17.55 7.80
CA ILE B 60 30.08 16.36 7.07
C ILE B 60 31.13 15.26 7.16
N ASN B 61 32.35 15.59 6.72
CA ASN B 61 33.42 14.60 6.68
C ASN B 61 33.75 13.93 8.02
N ILE B 62 33.32 14.57 9.10
CA ILE B 62 33.35 13.90 10.41
C ILE B 62 32.06 13.06 10.69
N LEU B 63 30.92 13.73 10.83
CA LEU B 63 29.70 13.06 11.27
C LEU B 63 29.19 11.96 10.32
N ALA B 64 29.28 12.19 9.01
CA ALA B 64 28.86 11.17 8.04
C ALA B 64 29.96 10.11 7.79
N ARG B 65 31.01 10.17 8.59
CA ARG B 65 32.12 9.24 8.48
C ARG B 65 32.29 8.52 9.83
N ARG B 66 31.22 8.48 10.62
CA ARG B 66 31.28 7.87 11.95
C ARG B 66 30.09 6.98 12.23
N THR B 67 30.26 6.07 13.17
CA THR B 67 29.18 5.18 13.59
C THR B 67 28.28 5.92 14.56
N ASN B 68 27.06 5.42 14.71
CA ASN B 68 26.18 5.94 15.74
C ASN B 68 26.91 6.05 17.08
N TYR B 69 27.62 4.98 17.45
CA TYR B 69 28.31 4.97 18.73
C TYR B 69 29.37 6.09 18.82
N GLU B 70 30.25 6.16 17.83
CA GLU B 70 31.24 7.22 17.78
C GLU B 70 30.61 8.61 17.78
N ARG B 71 29.59 8.80 16.94
CA ARG B 71 28.87 10.05 16.92
C ARG B 71 28.37 10.40 18.31
N GLN B 72 27.82 9.41 19.01
CA GLN B 72 27.30 9.63 20.35
C GLN B 72 28.41 9.95 21.38
N GLU B 73 29.56 9.30 21.25
CA GLU B 73 30.71 9.65 22.07
C GLU B 73 31.19 11.09 21.77
N ILE B 74 31.12 11.50 20.50
CA ILE B 74 31.41 12.87 20.12
C ILE B 74 30.46 13.83 20.84
N CYS B 75 29.16 13.59 20.70
CA CYS B 75 28.16 14.41 21.37
C CYS B 75 28.52 14.60 22.84
N GLN B 76 28.84 13.49 23.51
CA GLN B 76 29.11 13.47 24.94
C GLN B 76 30.42 14.16 25.25
N SER B 77 31.38 14.08 24.34
CA SER B 77 32.66 14.76 24.52
C SER B 77 32.46 16.27 24.42
N TYR B 78 31.88 16.70 23.32
CA TYR B 78 31.59 18.09 23.04
C TYR B 78 30.86 18.77 24.21
N LYS B 79 30.02 17.99 24.89
CA LYS B 79 29.15 18.52 25.95
C LYS B 79 29.94 18.85 27.21
N SER B 80 31.01 18.12 27.46
CA SER B 80 31.86 18.43 28.60
C SER B 80 33.05 19.29 28.20
N LEU B 81 33.56 19.09 26.99
CA LEU B 81 34.70 19.88 26.52
C LEU B 81 34.30 21.33 26.22
N TYR B 82 33.00 21.62 26.22
CA TYR B 82 32.55 22.96 25.86
C TYR B 82 31.36 23.46 26.67
N LYS B 83 30.86 22.64 27.58
CA LYS B 83 29.68 23.03 28.33
C LYS B 83 28.60 23.55 27.38
N GLN B 84 28.61 23.07 26.14
CA GLN B 84 27.58 23.42 25.16
C GLN B 84 26.95 22.12 24.63
N ASP B 85 25.89 22.25 23.84
CA ASP B 85 25.11 21.10 23.39
C ASP B 85 25.24 20.92 21.87
N LEU B 86 25.97 19.88 21.44
CA LEU B 86 26.31 19.71 20.02
C LEU B 86 25.08 19.83 19.14
N LYS B 87 24.05 19.10 19.51
CA LYS B 87 22.78 19.11 18.79
C LYS B 87 22.34 20.56 18.56
N ASP B 88 22.34 21.35 19.64
CA ASP B 88 21.89 22.73 19.59
C ASP B 88 22.80 23.61 18.76
N ASP B 89 24.10 23.44 18.93
CA ASP B 89 25.10 24.23 18.21
C ASP B 89 25.00 24.00 16.71
N LEU B 90 24.69 22.77 16.33
CA LEU B 90 24.57 22.38 14.93
C LEU B 90 23.30 22.98 14.35
N LYS B 91 22.25 22.93 15.16
CA LYS B 91 20.93 23.39 14.74
C LYS B 91 20.95 24.88 14.43
N SER B 92 21.71 25.64 15.22
CA SER B 92 21.73 27.09 15.05
C SER B 92 22.74 27.55 13.99
N ASP B 93 23.64 26.64 13.60
CA ASP B 93 24.60 27.01 12.58
C ASP B 93 24.22 26.51 11.19
N THR B 94 23.14 25.74 11.10
CA THR B 94 22.69 25.25 9.80
C THR B 94 21.21 25.47 9.57
N SER B 95 20.74 25.16 8.37
CA SER B 95 19.30 25.27 8.07
C SER B 95 18.83 24.31 6.98
N GLY B 96 17.55 24.42 6.65
CA GLY B 96 16.96 23.64 5.59
C GLY B 96 17.26 22.15 5.68
N ASP B 97 17.49 21.53 4.51
CA ASP B 97 17.59 20.09 4.43
C ASP B 97 18.84 19.56 5.11
N PHE B 98 19.87 20.38 5.12
CA PHE B 98 21.12 19.99 5.73
C PHE B 98 20.95 19.91 7.27
N ARG B 99 20.26 20.88 7.86
CA ARG B 99 19.94 20.79 9.28
C ARG B 99 19.17 19.49 9.62
N LYS B 100 18.12 19.20 8.84
CA LYS B 100 17.35 17.96 8.97
C LYS B 100 18.27 16.75 9.11
N VAL B 101 19.16 16.58 8.12
CA VAL B 101 20.01 15.40 8.10
C VAL B 101 20.93 15.37 9.32
N LEU B 102 21.49 16.53 9.67
CA LEU B 102 22.33 16.61 10.85
C LEU B 102 21.58 16.17 12.11
N CYS B 103 20.34 16.61 12.23
CA CYS B 103 19.54 16.24 13.39
C CYS B 103 19.34 14.73 13.43
N GLN B 104 19.12 14.13 12.28
CA GLN B 104 18.96 12.67 12.18
C GLN B 104 20.28 11.97 12.53
N LEU B 105 21.37 12.66 12.26
CA LEU B 105 22.68 12.07 12.42
C LEU B 105 23.17 12.09 13.86
N ILE B 106 22.96 13.18 14.58
CA ILE B 106 23.53 13.30 15.92
C ILE B 106 22.61 12.79 17.00
N VAL B 107 21.48 12.24 16.59
CA VAL B 107 20.60 11.60 17.53
C VAL B 107 20.97 10.12 17.67
N ASP B 108 20.97 9.60 18.89
CA ASP B 108 21.20 8.18 19.13
C ASP B 108 20.18 7.40 18.29
N THR B 109 20.66 6.42 17.53
CA THR B 109 19.82 5.67 16.59
C THR B 109 18.39 5.33 17.07
N PRO B 110 18.27 4.70 18.26
CA PRO B 110 16.93 4.34 18.76
C PRO B 110 15.99 5.53 18.93
N TYR B 111 16.53 6.69 19.32
CA TYR B 111 15.70 7.87 19.49
C TYR B 111 15.24 8.34 18.12
N MET B 112 16.18 8.35 17.18
CA MET B 112 15.82 8.69 15.80
C MET B 112 14.70 7.79 15.28
N LEU B 113 14.82 6.48 15.46
CA LEU B 113 13.74 5.62 14.98
C LEU B 113 12.46 5.85 15.76
N ALA B 114 12.59 6.08 17.06
CA ALA B 114 11.42 6.26 17.91
C ALA B 114 10.64 7.49 17.45
N LYS B 115 11.36 8.57 17.15
CA LYS B 115 10.75 9.81 16.65
C LYS B 115 9.98 9.54 15.35
N SER B 116 10.57 8.75 14.46
CA SER B 116 9.92 8.41 13.21
C SER B 116 8.65 7.61 13.40
N LEU B 117 8.71 6.64 14.31
CA LEU B 117 7.55 5.83 14.65
C LEU B 117 6.48 6.75 15.26
N TYR B 118 6.94 7.71 16.04
CA TYR B 118 6.03 8.69 16.58
C TYR B 118 5.29 9.43 15.45
N TYR B 119 6.03 9.95 14.48
CA TYR B 119 5.40 10.71 13.40
C TYR B 119 4.57 9.81 12.50
N ALA B 120 4.94 8.55 12.40
CA ALA B 120 4.16 7.65 11.56
C ALA B 120 2.76 7.43 12.13
N MET B 121 2.63 7.61 13.44
CA MET B 121 1.36 7.33 14.10
C MET B 121 0.59 8.59 14.44
N LYS B 122 1.32 9.62 14.85
CA LYS B 122 0.71 10.95 15.04
C LYS B 122 0.14 11.35 13.70
N GLY B 123 -1.03 11.98 13.71
CA GLY B 123 -1.63 12.39 12.46
C GLY B 123 -2.78 11.50 12.07
N LEU B 124 -3.52 11.92 11.04
CA LEU B 124 -4.62 11.13 10.53
C LEU B 124 -4.07 9.96 9.71
N GLY B 125 -4.64 8.78 9.96
CA GLY B 125 -4.20 7.57 9.34
C GLY B 125 -2.95 7.06 10.03
N THR B 126 -2.27 6.14 9.36
CA THR B 126 -1.12 5.48 9.93
C THR B 126 -0.13 5.24 8.81
N ASN B 127 1.06 5.80 8.92
CA ASN B 127 2.10 5.48 7.96
C ASN B 127 2.64 4.06 8.21
N ASP B 128 1.86 3.07 7.81
CA ASP B 128 2.23 1.66 7.92
C ASP B 128 3.60 1.37 7.29
N ARG B 129 3.83 1.90 6.11
CA ARG B 129 5.11 1.75 5.44
C ARG B 129 6.30 2.01 6.39
N VAL B 130 6.20 3.09 7.14
CA VAL B 130 7.25 3.42 8.08
C VAL B 130 7.32 2.40 9.25
N LEU B 131 6.18 2.00 9.78
CA LEU B 131 6.17 0.98 10.82
C LEU B 131 6.85 -0.28 10.32
N ILE B 132 6.45 -0.72 9.13
CA ILE B 132 6.96 -1.95 8.56
C ILE B 132 8.45 -1.83 8.34
N GLU B 133 8.86 -0.68 7.83
CA GLU B 133 10.26 -0.47 7.48
C GLU B 133 11.17 -0.47 8.69
N ILE B 134 10.77 0.21 9.75
CA ILE B 134 11.59 0.28 10.94
C ILE B 134 11.56 -1.05 11.74
N PHE B 135 10.35 -1.57 12.00
CA PHE B 135 10.22 -2.77 12.81
C PHE B 135 10.90 -3.96 12.17
N THR B 136 10.84 -4.05 10.85
CA THR B 136 11.48 -5.14 10.12
C THR B 136 12.97 -5.21 10.43
N THR B 137 13.56 -4.09 10.83
CA THR B 137 15.01 -3.97 10.89
C THR B 137 15.55 -3.95 12.31
N LEU B 138 14.67 -4.21 13.27
CA LEU B 138 15.09 -4.25 14.66
C LEU B 138 15.03 -5.68 15.17
N TRP B 139 16.03 -6.06 15.97
CA TRP B 139 15.91 -7.30 16.72
C TRP B 139 15.58 -7.03 18.21
N ASN B 140 15.16 -8.06 18.93
CA ASN B 140 14.71 -7.94 20.34
C ASN B 140 15.33 -6.80 21.21
N ASP B 141 16.62 -6.86 21.48
CA ASP B 141 17.27 -5.85 22.31
C ASP B 141 17.11 -4.43 21.78
N GLU B 142 17.31 -4.30 20.48
CA GLU B 142 17.19 -3.03 19.79
C GLU B 142 15.77 -2.51 19.92
N MET B 143 14.81 -3.40 19.68
CA MET B 143 13.38 -3.10 19.81
C MET B 143 13.06 -2.51 21.21
N LYS B 144 13.68 -3.08 22.24
CA LYS B 144 13.45 -2.62 23.60
C LYS B 144 13.99 -1.20 23.79
N ALA B 145 15.13 -0.92 23.19
CA ALA B 145 15.77 0.39 23.34
C ALA B 145 14.96 1.44 22.62
N VAL B 146 14.29 1.00 21.56
CA VAL B 146 13.50 1.91 20.75
C VAL B 146 12.22 2.24 21.50
N ALA B 147 11.63 1.24 22.13
CA ALA B 147 10.43 1.45 22.94
C ALA B 147 10.70 2.37 24.14
N ASP B 148 11.89 2.24 24.74
CA ASP B 148 12.26 3.15 25.82
C ASP B 148 12.51 4.57 25.29
N ALA B 149 13.18 4.68 24.15
CA ALA B 149 13.37 5.98 23.51
C ALA B 149 12.04 6.63 23.14
N TYR B 150 11.07 5.81 22.73
CA TYR B 150 9.73 6.30 22.42
C TYR B 150 9.09 7.02 23.62
N LYS B 151 9.19 6.40 24.80
CA LYS B 151 8.68 7.00 26.02
C LYS B 151 9.31 8.39 26.19
N GLN B 152 10.61 8.49 25.92
CA GLN B 152 11.31 9.77 26.01
C GLN B 152 10.83 10.79 24.99
N VAL B 153 10.49 10.32 23.79
CA VAL B 153 9.98 11.21 22.75
C VAL B 153 8.65 11.81 23.16
N LEU B 154 7.80 10.99 23.78
CA LEU B 154 6.53 11.47 24.31
C LEU B 154 6.77 12.56 25.35
N LYS B 155 7.64 12.29 26.32
CA LYS B 155 8.01 13.27 27.33
C LYS B 155 8.50 14.52 26.61
N ASP B 156 9.44 14.33 25.68
CA ASP B 156 10.07 15.43 24.95
C ASP B 156 9.05 16.29 24.21
N LYS B 157 7.88 15.74 23.95
CA LYS B 157 6.88 16.45 23.19
C LYS B 157 5.65 16.89 24.03
N GLY B 158 5.88 17.14 25.31
CA GLY B 158 4.85 17.61 26.22
C GLY B 158 3.70 16.65 26.53
N SER B 159 4.00 15.38 26.72
CA SER B 159 2.98 14.41 27.10
C SER B 159 3.05 14.13 28.60
N GLU B 160 2.00 14.52 29.31
CA GLU B 160 1.93 14.30 30.76
C GLU B 160 1.34 12.93 31.06
N GLU B 161 0.98 12.21 30.00
CA GLU B 161 0.38 10.89 30.13
C GLU B 161 1.34 9.89 30.74
N SER B 162 1.07 9.50 31.98
CA SER B 162 1.92 8.60 32.73
C SER B 162 2.19 7.27 32.02
N GLU B 163 1.13 6.62 31.54
CA GLU B 163 1.29 5.25 31.07
C GLU B 163 1.39 5.07 29.55
N ARG B 164 1.37 6.17 28.80
CA ARG B 164 1.46 6.10 27.35
C ARG B 164 2.78 5.45 26.88
N SER B 165 2.68 4.51 25.95
CA SER B 165 3.87 3.80 25.48
C SER B 165 3.78 3.46 23.98
N LEU B 166 4.88 2.95 23.42
CA LEU B 166 4.91 2.57 22.01
C LEU B 166 3.80 1.54 21.72
N VAL B 167 3.75 0.51 22.55
CA VAL B 167 2.73 -0.52 22.46
C VAL B 167 1.34 0.10 22.57
N THR B 168 1.19 0.98 23.56
CA THR B 168 -0.02 1.80 23.71
C THR B 168 -0.43 2.43 22.39
N ASP B 169 0.45 3.27 21.85
CA ASP B 169 0.17 3.95 20.60
C ASP B 169 -0.13 2.99 19.43
N MET B 170 0.63 1.91 19.31
CA MET B 170 0.40 0.97 18.21
C MET B 170 -0.96 0.28 18.30
N LYS B 171 -1.29 -0.22 19.48
CA LYS B 171 -2.57 -0.89 19.66
C LYS B 171 -3.71 0.01 19.21
N LYS B 172 -3.67 1.28 19.61
CA LYS B 172 -4.69 2.24 19.21
C LYS B 172 -4.65 2.44 17.69
N GLU B 173 -3.45 2.35 17.14
CA GLU B 173 -3.21 2.70 15.75
C GLU B 173 -3.46 1.51 14.81
N THR B 174 -3.56 0.33 15.40
CA THR B 174 -3.46 -0.93 14.64
C THR B 174 -4.49 -1.99 15.01
N CYS B 175 -4.76 -2.91 14.08
CA CYS B 175 -5.79 -3.96 14.27
C CYS B 175 -5.51 -5.18 13.42
N GLY B 176 -6.26 -6.25 13.67
CA GLY B 176 -6.22 -7.46 12.87
C GLY B 176 -4.93 -8.26 12.91
N ASP B 177 -4.72 -9.06 11.87
CA ASP B 177 -3.53 -9.89 11.78
C ASP B 177 -2.24 -9.06 11.79
N TYR B 178 -2.28 -7.93 11.08
CA TYR B 178 -1.20 -6.96 11.07
C TYR B 178 -0.83 -6.50 12.48
N GLU B 179 -1.84 -6.14 13.28
CA GLU B 179 -1.56 -5.67 14.64
C GLU B 179 -0.84 -6.74 15.41
N TYR B 180 -1.37 -7.95 15.32
CA TYR B 180 -0.85 -9.04 16.10
C TYR B 180 0.62 -9.27 15.76
N ALA B 181 0.91 -9.29 14.45
CA ALA B 181 2.28 -9.47 13.97
C ALA B 181 3.19 -8.33 14.45
N LEU B 182 2.70 -7.09 14.31
CA LEU B 182 3.40 -5.91 14.83
C LEU B 182 3.71 -6.06 16.32
N LEU B 183 2.68 -6.31 17.11
CA LEU B 183 2.90 -6.49 18.53
C LEU B 183 3.90 -7.60 18.84
N SER B 184 3.89 -8.70 18.08
CA SER B 184 4.90 -9.71 18.36
C SER B 184 6.29 -9.09 18.28
N LEU B 185 6.59 -8.43 17.17
CA LEU B 185 7.93 -7.89 16.97
C LEU B 185 8.26 -6.90 18.08
N VAL B 186 7.29 -6.04 18.39
CA VAL B 186 7.51 -5.00 19.39
C VAL B 186 7.64 -5.64 20.77
N GLN B 187 6.83 -6.66 21.02
CA GLN B 187 6.97 -7.46 22.22
C GLN B 187 8.38 -7.99 22.36
N ALA B 188 9.17 -7.91 21.29
CA ALA B 188 10.59 -8.28 21.35
C ALA B 188 10.79 -9.72 21.74
N GLU B 189 10.03 -10.61 21.11
CA GLU B 189 10.03 -12.02 21.47
C GLU B 189 10.35 -12.90 20.27
N ARG B 190 11.40 -12.53 19.53
CA ARG B 190 11.87 -13.35 18.42
C ARG B 190 12.91 -14.33 18.95
N ASP B 191 13.11 -15.45 18.25
CA ASP B 191 14.18 -16.38 18.63
C ASP B 191 15.49 -15.61 18.72
N ASP B 192 16.24 -15.84 19.80
CA ASP B 192 17.52 -15.20 19.95
C ASP B 192 18.70 -16.10 19.62
N ILE B 193 19.81 -15.47 19.27
CA ILE B 193 21.09 -16.08 19.03
C ILE B 193 22.10 -15.37 19.92
N PRO B 194 22.54 -16.05 21.01
CA PRO B 194 23.53 -15.51 21.95
C PRO B 194 24.74 -14.90 21.22
N ILE B 195 25.30 -13.83 21.80
CA ILE B 195 26.45 -13.16 21.20
C ILE B 195 27.57 -14.12 20.80
N LEU B 196 27.90 -15.03 21.70
CA LEU B 196 28.93 -16.04 21.46
C LEU B 196 28.72 -16.76 20.15
N GLN B 197 27.53 -17.35 20.01
CA GLN B 197 27.12 -18.06 18.82
C GLN B 197 27.19 -17.17 17.56
N LEU B 198 26.74 -15.92 17.69
CA LEU B 198 26.81 -14.97 16.58
C LEU B 198 28.24 -14.72 16.14
N LYS B 199 29.08 -14.35 17.10
CA LYS B 199 30.47 -14.02 16.85
C LYS B 199 31.18 -15.16 16.11
N ALA B 200 30.75 -16.38 16.41
CA ALA B 200 31.40 -17.59 15.91
C ALA B 200 30.97 -17.97 14.49
N ILE B 201 30.04 -17.20 13.92
CA ILE B 201 29.52 -17.48 12.59
C ILE B 201 30.62 -17.62 11.53
N PRO B 202 31.55 -16.65 11.47
CA PRO B 202 32.70 -16.67 10.57
C PRO B 202 33.48 -17.98 10.65
N ASP B 203 33.53 -18.55 11.84
CA ASP B 203 34.32 -19.74 12.12
C ASP B 203 33.51 -21.01 11.93
N LYS B 204 32.37 -21.10 12.62
CA LYS B 204 31.60 -22.34 12.67
C LYS B 204 30.53 -22.40 11.58
N GLY B 205 30.31 -21.26 10.92
CA GLY B 205 29.29 -21.18 9.88
C GLY B 205 27.94 -20.82 10.44
N VAL B 206 26.88 -21.19 9.72
CA VAL B 206 25.53 -20.97 10.21
C VAL B 206 24.80 -22.29 10.40
N ASN B 207 25.37 -23.36 9.88
CA ASN B 207 24.85 -24.69 10.19
C ASN B 207 24.79 -24.80 11.71
N SER B 208 25.75 -24.13 12.35
CA SER B 208 25.86 -24.07 13.81
C SER B 208 24.61 -23.52 14.51
N ILE B 209 24.00 -22.51 13.88
CA ILE B 209 22.96 -21.74 14.53
C ILE B 209 21.58 -21.89 13.89
N ILE B 210 21.41 -22.94 13.09
CA ILE B 210 20.09 -23.24 12.53
C ILE B 210 19.72 -24.67 12.82
N ASN B 211 18.51 -25.05 12.44
CA ASN B 211 17.95 -26.33 12.84
C ASN B 211 17.02 -26.94 11.79
N HIS B 212 17.48 -28.00 11.13
CA HIS B 212 16.73 -28.59 10.02
C HIS B 212 15.40 -29.20 10.47
N GLU B 213 15.41 -29.80 11.66
CA GLU B 213 14.20 -30.40 12.20
C GLU B 213 13.12 -29.32 12.32
N LEU B 214 13.49 -28.22 12.97
CA LEU B 214 12.62 -27.06 13.15
C LEU B 214 12.14 -26.53 11.81
N ALA B 215 13.08 -26.28 10.91
CA ALA B 215 12.78 -25.77 9.57
C ALA B 215 11.76 -26.65 8.83
N GLU B 216 11.97 -27.96 8.87
CA GLU B 216 11.05 -28.92 8.25
C GLU B 216 9.64 -28.88 8.86
N ALA B 217 9.58 -28.90 10.19
CA ALA B 217 8.29 -28.85 10.85
C ALA B 217 7.60 -27.56 10.47
N ASP B 218 8.36 -26.47 10.43
CA ASP B 218 7.80 -25.17 10.11
C ASP B 218 7.25 -25.13 8.69
N ALA B 219 8.04 -25.59 7.73
CA ALA B 219 7.55 -25.68 6.36
C ALA B 219 6.26 -26.49 6.27
N LYS B 220 6.22 -27.67 6.88
CA LYS B 220 5.02 -28.51 6.88
C LYS B 220 3.87 -27.74 7.52
N ASP B 221 4.19 -27.07 8.63
CA ASP B 221 3.22 -26.27 9.35
C ASP B 221 2.61 -25.20 8.44
N LEU B 222 3.45 -24.47 7.71
CA LEU B 222 2.99 -23.37 6.87
C LEU B 222 2.16 -23.86 5.69
N TYR B 223 2.64 -24.90 5.01
CA TYR B 223 1.89 -25.48 3.88
C TYR B 223 0.46 -25.83 4.29
N ALA B 224 0.27 -26.18 5.56
CA ALA B 224 -1.07 -26.48 6.05
C ALA B 224 -1.87 -25.20 6.34
N GLU B 234 -5.21 -16.95 12.27
CA GLU B 234 -4.15 -17.94 12.31
C GLU B 234 -2.78 -17.31 12.55
N ARG B 235 -2.19 -17.64 13.69
CA ARG B 235 -0.90 -17.10 14.08
C ARG B 235 0.23 -18.03 13.66
N ARG B 236 -0.08 -19.04 12.84
CA ARG B 236 0.91 -19.99 12.36
C ARG B 236 1.97 -19.30 11.50
N ILE B 237 1.51 -18.50 10.53
CA ILE B 237 2.44 -17.78 9.66
C ILE B 237 3.23 -16.73 10.44
N THR B 238 2.53 -15.98 11.29
CA THR B 238 3.19 -14.96 12.08
C THR B 238 4.31 -15.59 12.91
N ARG B 239 3.95 -16.64 13.65
CA ARG B 239 4.92 -17.31 14.51
C ARG B 239 6.20 -17.67 13.78
N VAL B 240 6.09 -18.21 12.57
CA VAL B 240 7.30 -18.65 11.87
C VAL B 240 8.05 -17.45 11.28
N ILE B 241 7.37 -16.64 10.48
CA ILE B 241 8.03 -15.53 9.81
C ILE B 241 8.64 -14.56 10.81
N CYS B 242 7.91 -14.24 11.88
CA CYS B 242 8.36 -13.16 12.73
C CYS B 242 9.33 -13.59 13.79
N ASN B 243 9.24 -14.84 14.23
CA ASN B 243 10.05 -15.27 15.35
C ASN B 243 11.37 -15.93 14.98
N ARG B 244 11.42 -16.54 13.81
CA ARG B 244 12.64 -17.19 13.39
C ARG B 244 13.68 -16.17 13.00
N THR B 245 14.92 -16.50 13.35
CA THR B 245 16.08 -15.73 12.98
C THR B 245 16.20 -15.67 11.47
N PRO B 246 16.98 -14.72 10.95
CA PRO B 246 17.06 -14.64 9.49
C PRO B 246 17.64 -15.94 8.98
N TYR B 247 18.62 -16.46 9.70
CA TYR B 247 19.31 -17.66 9.30
C TYR B 247 18.37 -18.85 9.27
N GLN B 248 17.61 -19.02 10.34
CA GLN B 248 16.64 -20.10 10.40
C GLN B 248 15.61 -19.96 9.29
N LEU B 249 15.12 -18.72 9.10
CA LEU B 249 14.14 -18.42 8.05
C LEU B 249 14.63 -18.76 6.66
N TYR B 250 15.88 -18.41 6.37
CA TYR B 250 16.44 -18.76 5.08
C TYR B 250 16.34 -20.26 4.82
N LEU B 251 16.85 -21.06 5.76
CA LEU B 251 16.78 -22.52 5.66
C LEU B 251 15.36 -23.01 5.47
N THR B 252 14.43 -22.47 6.26
CA THR B 252 13.02 -22.82 6.14
C THR B 252 12.50 -22.50 4.74
N SER B 253 12.95 -21.38 4.20
CA SER B 253 12.62 -21.00 2.84
C SER B 253 13.03 -22.10 1.87
N GLU B 254 14.30 -22.50 1.92
CA GLU B 254 14.81 -23.50 0.99
C GLU B 254 14.13 -24.86 1.14
N ILE B 255 14.00 -25.33 2.37
CA ILE B 255 13.32 -26.59 2.63
C ILE B 255 11.92 -26.56 2.00
N TYR B 256 11.23 -25.43 2.21
CA TYR B 256 9.85 -25.27 1.74
C TYR B 256 9.72 -25.44 0.23
N PHE B 257 10.68 -24.89 -0.51
CA PHE B 257 10.69 -25.01 -1.96
C PHE B 257 11.03 -26.43 -2.45
N LYS B 258 11.99 -27.08 -1.78
CA LYS B 258 12.28 -28.48 -2.04
C LYS B 258 11.04 -29.33 -1.82
N MET B 259 10.39 -29.14 -0.67
CA MET B 259 9.22 -29.93 -0.33
C MET B 259 8.02 -29.68 -1.25
N TYR B 260 7.79 -28.42 -1.62
CA TYR B 260 6.53 -28.03 -2.24
C TYR B 260 6.60 -27.47 -3.66
N GLY B 261 7.79 -27.10 -4.11
CA GLY B 261 7.95 -26.65 -5.48
C GLY B 261 7.45 -25.23 -5.72
N LYS B 262 6.87 -24.65 -4.68
CA LYS B 262 6.57 -23.22 -4.65
C LYS B 262 7.45 -22.58 -3.57
N THR B 263 7.91 -21.36 -3.79
CA THR B 263 8.70 -20.64 -2.78
C THR B 263 7.84 -20.21 -1.57
N LEU B 264 8.49 -20.02 -0.43
CA LEU B 264 7.82 -19.54 0.76
C LEU B 264 7.23 -18.14 0.49
N LEU B 265 8.04 -17.28 -0.13
CA LEU B 265 7.54 -15.97 -0.53
C LEU B 265 6.27 -16.09 -1.37
N GLU B 266 6.30 -16.88 -2.44
CA GLU B 266 5.12 -17.03 -3.29
C GLU B 266 3.90 -17.44 -2.47
N HIS B 267 4.13 -18.31 -1.49
CA HIS B 267 3.08 -18.88 -0.65
C HIS B 267 2.49 -17.78 0.23
N ILE B 268 3.37 -17.03 0.87
CA ILE B 268 2.94 -15.95 1.74
C ILE B 268 2.10 -14.95 0.96
N GLU B 269 2.51 -14.65 -0.27
CA GLU B 269 1.84 -13.64 -1.06
C GLU B 269 0.43 -14.04 -1.51
N SER B 270 0.23 -15.31 -1.84
CA SER B 270 -1.07 -15.78 -2.28
C SER B 270 -1.99 -15.96 -1.08
N GLU B 271 -1.37 -16.12 0.09
CA GLU B 271 -2.07 -16.53 1.31
C GLU B 271 -2.52 -15.33 2.14
N THR B 272 -1.80 -14.23 2.02
CA THR B 272 -2.08 -13.09 2.87
C THR B 272 -2.32 -11.82 2.05
N SER B 273 -3.03 -10.87 2.64
CA SER B 273 -3.37 -9.61 1.95
C SER B 273 -2.98 -8.38 2.77
N GLY B 274 -3.01 -7.21 2.13
CA GLY B 274 -2.83 -5.94 2.82
C GLY B 274 -1.51 -5.73 3.56
N ASP B 275 -1.58 -4.95 4.62
CA ASP B 275 -0.40 -4.63 5.42
C ASP B 275 0.21 -5.86 6.07
N TYR B 276 -0.64 -6.80 6.47
CA TYR B 276 -0.16 -8.06 7.01
C TYR B 276 0.79 -8.72 6.02
N ARG B 277 0.31 -8.93 4.80
CA ARG B 277 1.17 -9.38 3.70
C ARG B 277 2.46 -8.56 3.60
N LYS B 278 2.31 -7.24 3.48
CA LYS B 278 3.46 -6.33 3.34
C LYS B 278 4.53 -6.59 4.38
N LEU B 279 4.09 -6.70 5.64
CA LEU B 279 5.00 -6.93 6.76
C LEU B 279 5.68 -8.31 6.67
N LEU B 280 4.89 -9.34 6.41
CA LEU B 280 5.44 -10.69 6.29
C LEU B 280 6.50 -10.70 5.21
N VAL B 281 6.13 -10.18 4.04
CA VAL B 281 7.03 -10.13 2.92
C VAL B 281 8.33 -9.43 3.29
N ALA B 282 8.21 -8.30 3.98
CA ALA B 282 9.37 -7.53 4.35
C ALA B 282 10.28 -8.28 5.34
N VAL B 283 9.68 -8.91 6.34
CA VAL B 283 10.47 -9.69 7.29
C VAL B 283 11.20 -10.85 6.58
N LEU B 284 10.48 -11.57 5.72
CA LEU B 284 11.05 -12.68 4.96
C LEU B 284 12.21 -12.22 4.09
N ARG B 285 11.97 -11.17 3.32
CA ARG B 285 12.97 -10.64 2.39
C ARG B 285 14.15 -10.06 3.13
N TYR B 286 13.93 -9.59 4.36
CA TYR B 286 15.01 -9.05 5.14
C TYR B 286 15.98 -10.19 5.48
N ALA B 287 15.42 -11.39 5.55
CA ALA B 287 16.16 -12.62 5.76
C ALA B 287 16.78 -13.18 4.47
N ILE B 288 15.98 -13.34 3.41
CA ILE B 288 16.44 -14.07 2.24
C ILE B 288 16.78 -13.24 0.99
N ASP B 289 16.39 -11.96 0.96
CA ASP B 289 16.57 -11.13 -0.23
C ASP B 289 16.83 -9.69 0.18
N ARG B 290 17.66 -9.50 1.20
CA ARG B 290 17.73 -8.21 1.84
C ARG B 290 18.22 -7.06 0.95
N PRO B 291 19.41 -7.22 0.35
CA PRO B 291 19.95 -6.12 -0.47
C PRO B 291 18.95 -5.60 -1.48
N SER B 292 18.22 -6.49 -2.15
CA SER B 292 17.18 -6.05 -3.07
C SER B 292 16.04 -5.35 -2.35
N LEU B 293 15.65 -5.89 -1.20
CA LEU B 293 14.53 -5.38 -0.44
C LEU B 293 14.75 -3.90 -0.14
N ILE B 294 15.89 -3.63 0.48
CA ILE B 294 16.24 -2.29 0.93
C ILE B 294 16.54 -1.39 -0.27
N ALA B 295 17.17 -1.96 -1.29
CA ALA B 295 17.37 -1.24 -2.54
C ALA B 295 16.03 -0.73 -3.07
N GLU B 296 15.02 -1.58 -3.09
CA GLU B 296 13.72 -1.13 -3.59
C GLU B 296 13.14 -0.06 -2.66
N TRP B 297 13.36 -0.22 -1.36
CA TRP B 297 12.85 0.76 -0.41
C TRP B 297 13.44 2.13 -0.71
N LEU B 298 14.75 2.13 -0.97
CA LEU B 298 15.48 3.32 -1.32
C LEU B 298 14.90 3.96 -2.58
N HIS B 299 14.70 3.12 -3.59
CA HIS B 299 14.12 3.58 -4.84
C HIS B 299 12.78 4.28 -4.59
N ASP B 300 11.98 3.65 -3.74
CA ASP B 300 10.66 4.15 -3.42
C ASP B 300 10.76 5.49 -2.73
N SER B 301 11.77 5.65 -1.88
CA SER B 301 11.90 6.90 -1.12
C SER B 301 12.19 8.03 -2.08
N MET B 302 12.64 7.69 -3.29
CA MET B 302 13.00 8.69 -4.29
C MET B 302 11.93 8.87 -5.36
N ALA B 303 11.13 7.84 -5.61
CA ALA B 303 10.09 7.88 -6.64
C ALA B 303 9.26 9.16 -6.61
N GLY B 304 8.91 9.65 -7.80
CA GLY B 304 8.09 10.83 -7.93
C GLY B 304 8.87 12.10 -7.64
N LEU B 305 8.74 12.59 -6.41
CA LEU B 305 9.40 13.82 -6.00
C LEU B 305 10.30 13.67 -4.78
N GLY B 306 10.39 14.76 -4.03
CA GLY B 306 11.42 14.96 -3.04
C GLY B 306 11.66 13.87 -2.02
N THR B 307 11.17 14.19 -0.83
CA THR B 307 10.39 13.37 0.10
C THR B 307 9.71 12.17 -0.52
N LYS B 308 10.08 10.97 -0.06
CA LYS B 308 10.24 10.68 1.36
C LYS B 308 11.64 10.89 1.87
N ASP B 309 11.97 12.15 2.12
CA ASP B 309 13.32 12.54 2.50
C ASP B 309 13.74 11.85 3.79
N TYR B 310 12.80 11.68 4.71
CA TYR B 310 13.10 11.02 5.97
C TYR B 310 13.42 9.55 5.78
N ALA B 311 12.67 8.86 4.94
CA ALA B 311 12.93 7.43 4.75
C ALA B 311 14.30 7.30 4.12
N LEU B 312 14.63 8.20 3.20
CA LEU B 312 15.93 8.14 2.54
C LEU B 312 17.07 8.33 3.54
N MET B 313 17.04 9.40 4.33
CA MET B 313 18.13 9.60 5.28
CA MET B 313 18.09 9.63 5.32
C MET B 313 18.13 8.55 6.39
N ARG B 314 16.94 8.15 6.85
CA ARG B 314 16.86 7.11 7.84
C ARG B 314 17.54 5.83 7.33
N LEU B 315 17.27 5.49 6.07
CA LEU B 315 17.77 4.23 5.52
C LEU B 315 19.28 4.30 5.26
N LEU B 316 19.74 5.38 4.62
CA LEU B 316 21.18 5.52 4.41
C LEU B 316 21.93 5.66 5.73
N ILE B 317 21.42 6.48 6.65
CA ILE B 317 22.09 6.65 7.93
C ILE B 317 22.21 5.30 8.70
N THR B 318 21.12 4.54 8.79
CA THR B 318 21.18 3.30 9.54
C THR B 318 21.95 2.18 8.80
N ARG B 319 21.60 1.99 7.53
CA ARG B 319 22.16 0.90 6.73
C ARG B 319 23.65 1.04 6.49
N SER B 320 24.15 2.26 6.67
CA SER B 320 25.54 2.56 6.35
C SER B 320 26.51 1.77 7.24
N GLU B 321 26.10 1.48 8.47
CA GLU B 321 27.01 0.78 9.37
C GLU B 321 26.73 -0.72 9.41
N ILE B 322 25.86 -1.18 8.52
CA ILE B 322 25.57 -2.61 8.43
C ILE B 322 25.87 -3.22 7.05
N ASP B 323 25.02 -2.91 6.06
CA ASP B 323 25.16 -3.56 4.75
C ASP B 323 24.94 -2.61 3.56
N LEU B 324 25.26 -1.33 3.73
CA LEU B 324 24.90 -0.34 2.70
C LEU B 324 25.59 -0.59 1.35
N GLN B 325 26.86 -0.98 1.41
CA GLN B 325 27.59 -1.36 0.22
C GLN B 325 26.89 -2.48 -0.56
N ASP B 326 26.40 -3.49 0.16
CA ASP B 326 25.71 -4.61 -0.50
C ASP B 326 24.41 -4.12 -1.14
N ILE B 327 23.75 -3.20 -0.44
CA ILE B 327 22.51 -2.58 -0.92
C ILE B 327 22.78 -1.78 -2.20
N MET B 328 23.87 -1.01 -2.18
CA MET B 328 24.31 -0.25 -3.35
CA MET B 328 24.28 -0.27 -3.36
C MET B 328 24.51 -1.18 -4.59
N ASP B 329 25.27 -2.26 -4.42
CA ASP B 329 25.49 -3.19 -5.53
C ASP B 329 24.13 -3.70 -6.06
N ALA B 330 23.26 -4.12 -5.15
CA ALA B 330 21.91 -4.55 -5.56
C ALA B 330 21.18 -3.48 -6.36
N TYR B 331 21.29 -2.23 -5.91
CA TYR B 331 20.53 -1.15 -6.52
C TYR B 331 20.95 -1.00 -7.97
N GLU B 332 22.27 -0.96 -8.16
CA GLU B 332 22.82 -0.74 -9.49
C GLU B 332 22.35 -1.83 -10.43
N SER B 333 22.36 -3.07 -9.94
CA SER B 333 22.05 -4.19 -10.80
C SER B 333 20.54 -4.32 -11.04
N ILE B 334 19.74 -3.69 -10.18
CA ILE B 334 18.28 -3.72 -10.34
C ILE B 334 17.75 -2.57 -11.20
N TYR B 335 18.35 -1.39 -11.07
CA TYR B 335 17.75 -0.20 -11.63
C TYR B 335 18.57 0.37 -12.77
N GLY B 336 19.78 -0.18 -12.95
CA GLY B 336 20.64 0.27 -14.02
C GLY B 336 21.37 1.58 -13.75
N LYS B 337 21.14 2.17 -12.58
CA LYS B 337 21.86 3.39 -12.19
C LYS B 337 22.45 3.17 -10.81
N SER B 338 23.56 3.83 -10.50
CA SER B 338 24.13 3.72 -9.17
C SER B 338 23.21 4.42 -8.15
N LEU B 339 23.24 3.96 -6.91
CA LEU B 339 22.42 4.55 -5.86
C LEU B 339 22.90 5.99 -5.67
N LEU B 340 24.23 6.14 -5.69
CA LEU B 340 24.89 7.44 -5.62
C LEU B 340 24.28 8.44 -6.64
N ASN B 341 24.16 8.02 -7.90
CA ASN B 341 23.56 8.90 -8.90
C ASN B 341 22.06 9.11 -8.72
N ALA B 342 21.34 8.07 -8.27
CA ALA B 342 19.91 8.24 -8.00
C ALA B 342 19.72 9.31 -6.92
N VAL B 343 20.58 9.25 -5.91
CA VAL B 343 20.53 10.16 -4.78
C VAL B 343 20.95 11.56 -5.22
N LYS B 344 22.02 11.60 -6.00
CA LYS B 344 22.50 12.85 -6.58
C LYS B 344 21.38 13.55 -7.35
N ASP B 345 20.59 12.77 -8.07
CA ASP B 345 19.54 13.35 -8.93
C ASP B 345 18.31 13.81 -8.17
N ASP B 346 18.14 13.33 -6.94
CA ASP B 346 16.92 13.62 -6.23
C ASP B 346 17.12 14.67 -5.16
N THR B 347 18.38 14.99 -4.87
CA THR B 347 18.70 15.81 -3.71
C THR B 347 19.72 16.89 -4.04
N SER B 348 19.93 17.84 -3.14
CA SER B 348 20.85 18.93 -3.39
C SER B 348 21.45 19.51 -2.13
N GLY B 349 22.36 20.45 -2.33
CA GLY B 349 23.03 21.14 -1.23
C GLY B 349 23.92 20.28 -0.36
N ASP B 350 24.19 20.77 0.84
CA ASP B 350 24.96 20.03 1.83
C ASP B 350 24.20 18.77 2.28
N TYR B 351 22.87 18.81 2.17
CA TYR B 351 22.05 17.62 2.35
C TYR B 351 22.49 16.51 1.40
N ARG B 352 22.63 16.84 0.11
CA ARG B 352 23.09 15.84 -0.85
C ARG B 352 24.49 15.34 -0.52
N ARG B 353 25.37 16.27 -0.18
CA ARG B 353 26.76 15.93 0.05
C ARG B 353 26.84 14.95 1.20
N THR B 354 26.06 15.24 2.24
CA THR B 354 25.98 14.38 3.40
C THR B 354 25.60 12.94 3.03
N LEU B 355 24.52 12.79 2.27
CA LEU B 355 24.08 11.47 1.82
C LEU B 355 25.20 10.79 1.04
N CYS B 356 25.87 11.53 0.19
CA CYS B 356 26.95 10.98 -0.60
C CYS B 356 28.10 10.45 0.26
N VAL B 357 28.47 11.22 1.28
CA VAL B 357 29.53 10.78 2.17
C VAL B 357 29.14 9.52 2.96
N LEU B 358 27.89 9.42 3.42
CA LEU B 358 27.45 8.21 4.10
C LEU B 358 27.66 7.01 3.18
N MET B 359 27.42 7.22 1.89
CA MET B 359 27.59 6.15 0.91
CA MET B 359 27.57 6.14 0.92
C MET B 359 29.05 5.90 0.61
N GLY B 360 29.93 6.75 1.15
CA GLY B 360 31.37 6.59 0.98
C GLY B 360 32.09 7.53 0.01
N GLU B 361 31.35 8.41 -0.65
CA GLU B 361 31.99 9.38 -1.53
C GLU B 361 32.50 10.55 -0.72
N ILE B 362 33.82 10.74 -0.69
CA ILE B 362 34.44 11.81 0.08
C ILE B 362 34.78 13.05 -0.77
N TYR B 363 34.64 14.24 -0.17
CA TYR B 363 34.90 15.51 -0.84
C TYR B 363 36.06 16.25 -0.18
#